data_1YTM
#
_entry.id   1YTM
#
_cell.length_a   194.871
_cell.length_b   123.219
_cell.length_c   48.463
_cell.angle_alpha   90.00
_cell.angle_beta   90.00
_cell.angle_gamma   90.00
#
_symmetry.space_group_name_H-M   'P 21 21 2'
#
loop_
_entity.id
_entity.type
_entity.pdbx_description
1 polymer 'phosphoenolpyruvate carboxykinase [ATP]'
2 non-polymer 'MAGNESIUM ION'
3 non-polymer 'MANGANESE (II) ION'
4 non-polymer "ADENOSINE-5'-TRIPHOSPHATE"
5 non-polymer 'OXALIC ACID'
6 water water
#
_entity_poly.entity_id   1
_entity_poly.type   'polypeptide(L)'
_entity_poly.pdbx_seq_one_letter_code
;MSLSESLAKYGITGATNIVHNPSHEELFAAETQASLEGFEKGTVTEMGAVNVMTGVYTGRSPKDKFIVKNEASKEIWWTS
DEFKNDNKPVTEEAWAQLKALAGKELSNKPLYVVDLFCGANENTRLKIRFVMEVAWQAHFVTNMFIRPTEEELKGFEPDF
VVLNASKAKVENFKELGLNSETAVVFNLAEKMQIILNTWYGGEMKKGMFSMMNFYLPLQGIAAMHCSANTDLEGKNTAIF
FGLSGTGKTTLSTDPKRLLIGDDEHGWDDDGVFNFEGGCYAKVINLSKENEPDIWGAIKRNALLENVTVDANGKVDFADK
SVTENTRVSYPIFHIKNIVKPVSKAPAAKRVIFLSADAFGVLPPVSILSKEQTKYYFLSGFTAKLAGTERGITEPTPTFS
SCFGAAFLTLPPTKYAEVLVKRMEASGAKAYLVNTGWNGTGKRISIKDTRGIIDAILDGSIDTANTATIPYFNFTVPTEL
KGVDTKILDPRNTYADASEWEVKAKDLAERFQKNFKKFESLGGDLVKAGPQL
;
_entity_poly.pdbx_strand_id   A,B
#
loop_
_chem_comp.id
_chem_comp.type
_chem_comp.name
_chem_comp.formula
ATP non-polymer ADENOSINE-5'-TRIPHOSPHATE 'C10 H16 N5 O13 P3'
MG non-polymer 'MAGNESIUM ION' 'Mg 2'
MN non-polymer 'MANGANESE (II) ION' 'Mn 2'
OXD non-polymer 'OXALIC ACID' 'C2 H2 O4'
#
# COMPACT_ATOMS: atom_id res chain seq x y z
N SER A 2 19.11 59.45 18.50
CA SER A 2 17.87 59.25 17.69
C SER A 2 17.67 57.77 17.44
N LEU A 3 18.47 57.20 16.54
CA LEU A 3 18.36 55.78 16.26
C LEU A 3 18.68 54.96 17.51
N SER A 4 19.70 55.38 18.25
CA SER A 4 20.08 54.66 19.46
C SER A 4 18.95 54.75 20.49
N GLU A 5 18.24 55.87 20.50
CA GLU A 5 17.14 56.05 21.44
C GLU A 5 16.00 55.12 21.03
N SER A 6 15.82 54.93 19.72
CA SER A 6 14.78 54.02 19.25
C SER A 6 15.12 52.59 19.67
N LEU A 7 16.36 52.17 19.43
CA LEU A 7 16.79 50.83 19.82
C LEU A 7 16.60 50.58 21.30
N ALA A 8 16.86 51.62 22.09
CA ALA A 8 16.71 51.50 23.54
C ALA A 8 15.27 51.02 23.84
N LYS A 9 14.29 51.61 23.17
CA LYS A 9 12.91 51.20 23.40
C LYS A 9 12.65 49.74 23.02
N TYR A 10 13.48 49.18 22.14
CA TYR A 10 13.33 47.78 21.74
C TYR A 10 14.10 46.91 22.76
N GLY A 11 14.83 47.57 23.64
CA GLY A 11 15.61 46.88 24.66
C GLY A 11 17.05 46.68 24.25
N ILE A 12 17.49 47.40 23.22
CA ILE A 12 18.89 47.31 22.75
C ILE A 12 19.61 48.58 23.15
N THR A 13 20.75 48.42 23.82
CA THR A 13 21.56 49.55 24.29
C THR A 13 23.05 49.26 24.09
N GLY A 14 23.86 50.31 24.24
CA GLY A 14 25.30 50.17 24.13
C GLY A 14 25.83 49.83 22.74
N ALA A 15 25.06 50.08 21.70
CA ALA A 15 25.51 49.77 20.35
C ALA A 15 26.82 50.51 20.08
N THR A 16 27.79 49.80 19.50
CA THR A 16 29.11 50.40 19.22
C THR A 16 29.16 51.10 17.86
N ASN A 17 28.26 50.73 16.97
CA ASN A 17 28.21 51.33 15.65
C ASN A 17 26.87 50.94 15.07
N ILE A 18 26.25 51.85 14.32
CA ILE A 18 24.96 51.59 13.71
C ILE A 18 24.99 51.93 12.24
N VAL A 19 24.72 50.93 11.40
CA VAL A 19 24.66 51.16 9.96
C VAL A 19 23.18 51.19 9.60
N HIS A 20 22.72 52.34 9.10
CA HIS A 20 21.32 52.54 8.74
C HIS A 20 21.09 52.36 7.23
N ASN A 21 20.29 51.36 6.87
CA ASN A 21 20.01 51.06 5.45
C ASN A 21 21.28 51.01 4.61
N PRO A 22 22.15 50.05 4.90
CA PRO A 22 23.40 49.96 4.14
C PRO A 22 23.19 49.72 2.65
N SER A 23 24.06 50.28 1.80
CA SER A 23 23.94 50.10 0.36
C SER A 23 24.45 48.70 0.01
N HIS A 24 24.20 48.27 -1.22
CA HIS A 24 24.66 46.96 -1.66
C HIS A 24 26.17 46.82 -1.62
N GLU A 25 26.89 47.87 -2.04
CA GLU A 25 28.34 47.79 -2.03
C GLU A 25 28.87 47.72 -0.61
N GLU A 26 28.24 48.46 0.30
CA GLU A 26 28.66 48.40 1.69
C GLU A 26 28.36 46.99 2.23
N LEU A 27 27.25 46.41 1.79
CA LEU A 27 26.89 45.06 2.24
C LEU A 27 27.84 44.00 1.71
N PHE A 28 28.32 44.18 0.48
CA PHE A 28 29.26 43.25 -0.13
C PHE A 28 30.58 43.21 0.63
N ALA A 29 31.12 44.39 0.91
CA ALA A 29 32.38 44.52 1.62
C ALA A 29 32.26 43.86 2.98
N ALA A 30 31.15 44.13 3.66
CA ALA A 30 30.94 43.57 4.98
C ALA A 30 30.85 42.05 4.95
N GLU A 31 30.11 41.53 3.97
CA GLU A 31 29.91 40.08 3.84
C GLU A 31 31.16 39.31 3.47
N THR A 32 32.07 39.99 2.80
CA THR A 32 33.31 39.37 2.34
C THR A 32 34.51 39.56 3.24
N GLN A 33 34.30 40.07 4.46
CA GLN A 33 35.41 40.22 5.40
C GLN A 33 35.87 38.82 5.78
N ALA A 34 37.18 38.61 5.79
CA ALA A 34 37.78 37.30 6.11
C ALA A 34 37.56 36.79 7.54
N SER A 35 37.34 37.69 8.49
CA SER A 35 37.14 37.32 9.88
C SER A 35 35.75 36.80 10.25
N LEU A 36 34.83 36.72 9.29
CA LEU A 36 33.49 36.24 9.58
C LEU A 36 33.48 34.75 9.92
N GLU A 37 32.86 34.40 11.04
CA GLU A 37 32.79 33.02 11.51
C GLU A 37 31.43 32.32 11.28
N GLY A 38 31.47 31.00 11.18
CA GLY A 38 30.28 30.19 10.99
C GLY A 38 29.25 30.66 9.99
N PHE A 39 27.99 30.64 10.40
CA PHE A 39 26.89 31.05 9.55
C PHE A 39 26.98 32.50 9.06
N GLU A 40 27.89 33.29 9.65
CA GLU A 40 28.03 34.68 9.21
C GLU A 40 28.91 34.79 7.98
N LYS A 41 29.72 33.77 7.73
CA LYS A 41 30.63 33.78 6.60
C LYS A 41 29.94 33.83 5.25
N GLY A 42 30.44 34.72 4.40
CA GLY A 42 29.90 34.87 3.07
C GLY A 42 31.01 34.52 2.08
N THR A 43 30.65 33.77 1.05
CA THR A 43 31.61 33.36 0.03
C THR A 43 31.20 33.90 -1.33
N VAL A 44 32.15 34.47 -2.05
CA VAL A 44 31.90 35.01 -3.38
C VAL A 44 31.92 33.87 -4.38
N THR A 45 30.81 33.65 -5.08
CA THR A 45 30.77 32.58 -6.06
C THR A 45 31.19 33.12 -7.42
N GLU A 46 31.37 32.21 -8.37
CA GLU A 46 31.78 32.58 -9.71
C GLU A 46 30.66 33.39 -10.37
N MET A 47 29.44 33.21 -9.88
CA MET A 47 28.28 33.93 -10.41
C MET A 47 28.46 35.42 -10.10
N GLY A 48 29.27 35.72 -9.10
CA GLY A 48 29.50 37.09 -8.71
C GLY A 48 28.70 37.42 -7.46
N ALA A 49 27.72 36.59 -7.16
CA ALA A 49 26.90 36.78 -5.97
C ALA A 49 27.51 36.07 -4.78
N VAL A 50 27.22 36.60 -3.59
CA VAL A 50 27.72 36.02 -2.34
C VAL A 50 26.79 34.90 -1.90
N ASN A 51 27.36 33.84 -1.34
CA ASN A 51 26.54 32.73 -0.85
C ASN A 51 26.79 32.52 0.63
N VAL A 52 25.74 32.17 1.38
CA VAL A 52 25.90 31.92 2.81
C VAL A 52 25.23 30.60 3.16
N MET A 53 25.63 29.99 4.26
CA MET A 53 25.04 28.73 4.68
C MET A 53 24.29 28.99 5.97
N THR A 54 23.21 28.25 6.22
CA THR A 54 22.43 28.46 7.42
C THR A 54 22.25 27.21 8.27
N GLY A 55 23.20 26.29 8.16
CA GLY A 55 23.16 25.07 8.95
C GLY A 55 21.94 24.20 8.71
N VAL A 56 21.35 23.70 9.80
CA VAL A 56 20.17 22.83 9.70
C VAL A 56 18.90 23.65 9.41
N TYR A 57 19.00 24.97 9.57
CA TYR A 57 17.86 25.86 9.33
C TYR A 57 17.73 26.15 7.84
N THR A 58 17.44 25.11 7.07
CA THR A 58 17.29 25.23 5.63
C THR A 58 15.82 25.31 5.21
N GLY A 59 14.96 25.63 6.17
CA GLY A 59 13.55 25.75 5.90
C GLY A 59 12.85 26.39 7.07
N ARG A 60 11.57 26.70 6.92
CA ARG A 60 10.82 27.33 7.99
C ARG A 60 10.71 26.44 9.24
N SER A 61 10.36 27.06 10.37
CA SER A 61 10.20 26.34 11.63
C SER A 61 8.80 26.63 12.16
N PRO A 62 7.77 26.07 11.51
CA PRO A 62 6.38 26.29 11.94
C PRO A 62 6.07 25.83 13.37
N LYS A 63 6.77 24.80 13.84
CA LYS A 63 6.54 24.29 15.19
C LYS A 63 7.08 25.25 16.24
N ASP A 64 7.93 26.16 15.82
CA ASP A 64 8.52 27.13 16.73
C ASP A 64 7.91 28.52 16.58
N LYS A 65 6.82 28.62 15.84
CA LYS A 65 6.18 29.91 15.65
C LYS A 65 5.08 30.10 16.69
N PHE A 66 5.13 31.23 17.42
CA PHE A 66 4.15 31.54 18.46
C PHE A 66 3.69 33.00 18.42
N ILE A 67 2.47 33.21 18.90
CA ILE A 67 1.88 34.54 18.95
C ILE A 67 1.47 34.86 20.38
N VAL A 68 1.94 36.00 20.88
CA VAL A 68 1.60 36.40 22.24
C VAL A 68 0.09 36.59 22.32
N LYS A 69 -0.53 35.96 23.30
CA LYS A 69 -1.97 36.05 23.47
C LYS A 69 -2.33 37.24 24.33
N ASN A 70 -2.98 38.22 23.73
CA ASN A 70 -3.38 39.41 24.48
C ASN A 70 -4.52 40.09 23.75
N GLU A 71 -4.88 41.28 24.21
CA GLU A 71 -5.97 42.01 23.59
C GLU A 71 -5.72 42.30 22.12
N ALA A 72 -4.47 42.58 21.76
CA ALA A 72 -4.16 42.89 20.37
C ALA A 72 -4.30 41.69 19.43
N SER A 73 -4.16 40.48 19.96
CA SER A 73 -4.26 39.28 19.14
C SER A 73 -5.57 38.52 19.40
N LYS A 74 -6.58 39.24 19.89
CA LYS A 74 -7.87 38.62 20.18
C LYS A 74 -8.50 37.97 18.94
N GLU A 75 -8.24 38.53 17.77
CA GLU A 75 -8.81 37.99 16.53
C GLU A 75 -7.96 36.94 15.83
N ILE A 76 -6.80 36.63 16.39
CA ILE A 76 -5.91 35.63 15.78
C ILE A 76 -6.63 34.28 15.66
N TRP A 77 -6.39 33.60 14.55
CA TRP A 77 -6.99 32.30 14.29
C TRP A 77 -6.20 31.25 15.07
N TRP A 78 -6.34 31.29 16.39
CA TRP A 78 -5.64 30.37 17.27
C TRP A 78 -5.81 28.91 16.91
N THR A 79 -4.81 28.10 17.26
CA THR A 79 -4.87 26.68 16.98
C THR A 79 -5.84 26.02 17.97
N SER A 80 -6.37 24.86 17.62
CA SER A 80 -7.30 24.14 18.48
C SER A 80 -7.38 22.69 18.00
N ASP A 81 -7.77 21.79 18.90
CA ASP A 81 -7.87 20.38 18.56
C ASP A 81 -8.73 20.15 17.32
N GLU A 82 -9.75 20.96 17.16
CA GLU A 82 -10.63 20.84 16.00
C GLU A 82 -9.95 21.27 14.71
N PHE A 83 -9.18 22.36 14.76
CA PHE A 83 -8.48 22.83 13.57
C PHE A 83 -7.09 23.30 13.95
N LYS A 84 -6.13 22.42 13.77
CA LYS A 84 -4.75 22.68 14.10
C LYS A 84 -4.07 23.59 13.08
N ASN A 85 -3.29 24.54 13.56
CA ASN A 85 -2.55 25.42 12.67
C ASN A 85 -1.29 25.85 13.39
N ASP A 86 -0.53 26.77 12.81
CA ASP A 86 0.74 27.19 13.41
C ASP A 86 0.64 28.34 14.42
N ASN A 87 -0.56 28.89 14.56
CA ASN A 87 -0.81 29.99 15.48
C ASN A 87 -0.91 29.48 16.93
N LYS A 88 0.25 29.29 17.55
CA LYS A 88 0.29 28.82 18.92
C LYS A 88 0.45 30.02 19.85
N PRO A 89 -0.29 30.03 20.96
CA PRO A 89 -0.23 31.12 21.93
C PRO A 89 0.88 31.06 22.97
N VAL A 90 1.36 32.23 23.38
CA VAL A 90 2.37 32.31 24.41
C VAL A 90 1.91 33.44 25.32
N THR A 91 2.42 33.46 26.53
CA THR A 91 2.04 34.48 27.50
C THR A 91 2.91 35.71 27.43
N GLU A 92 2.41 36.79 28.01
CA GLU A 92 3.15 38.05 28.07
C GLU A 92 4.42 37.78 28.86
N GLU A 93 4.30 36.94 29.88
CA GLU A 93 5.44 36.59 30.74
C GLU A 93 6.56 35.91 29.98
N ALA A 94 6.18 35.07 29.02
CA ALA A 94 7.16 34.38 28.21
C ALA A 94 7.74 35.39 27.24
N TRP A 95 6.88 36.28 26.73
CA TRP A 95 7.33 37.30 25.78
C TRP A 95 8.40 38.23 26.35
N ALA A 96 8.17 38.76 27.56
CA ALA A 96 9.12 39.67 28.17
C ALA A 96 10.51 39.03 28.26
N GLN A 97 10.54 37.74 28.56
CA GLN A 97 11.80 37.02 28.67
C GLN A 97 12.45 36.78 27.30
N LEU A 98 11.63 36.48 26.29
CA LEU A 98 12.14 36.24 24.95
C LEU A 98 12.68 37.53 24.36
N LYS A 99 11.92 38.61 24.55
CA LYS A 99 12.29 39.92 24.07
C LYS A 99 13.60 40.35 24.74
N ALA A 100 13.69 40.14 26.05
CA ALA A 100 14.88 40.49 26.80
C ALA A 100 16.07 39.68 26.27
N LEU A 101 15.81 38.43 25.90
CA LEU A 101 16.85 37.56 25.37
C LEU A 101 17.41 38.15 24.07
N ALA A 102 16.51 38.54 23.18
CA ALA A 102 16.90 39.13 21.89
C ALA A 102 17.60 40.47 22.13
N GLY A 103 17.04 41.27 23.03
CA GLY A 103 17.65 42.56 23.35
C GLY A 103 19.08 42.41 23.84
N LYS A 104 19.32 41.53 24.80
CA LYS A 104 20.67 41.34 25.32
C LYS A 104 21.63 40.88 24.22
N GLU A 105 21.15 39.98 23.35
CA GLU A 105 21.98 39.46 22.26
C GLU A 105 22.47 40.54 21.32
N LEU A 106 21.59 41.47 20.99
CA LEU A 106 21.96 42.53 20.07
C LEU A 106 22.57 43.77 20.74
N SER A 107 22.70 43.75 22.06
CA SER A 107 23.29 44.89 22.77
C SER A 107 24.82 44.89 22.77
N ASN A 108 25.39 46.07 22.99
CA ASN A 108 26.84 46.26 23.04
C ASN A 108 27.61 45.72 21.83
N LYS A 109 27.23 46.10 20.61
CA LYS A 109 27.95 45.60 19.44
C LYS A 109 27.49 46.33 18.18
N PRO A 110 28.23 46.16 17.07
CA PRO A 110 27.89 46.81 15.81
C PRO A 110 26.56 46.25 15.30
N LEU A 111 25.65 47.14 14.89
CA LEU A 111 24.36 46.69 14.42
C LEU A 111 23.96 47.28 13.09
N TYR A 112 23.04 46.58 12.43
CA TYR A 112 22.47 47.02 11.17
C TYR A 112 21.00 47.29 11.45
N VAL A 113 20.50 48.42 10.95
CA VAL A 113 19.10 48.80 11.12
C VAL A 113 18.59 49.12 9.72
N VAL A 114 17.60 48.36 9.27
CA VAL A 114 17.05 48.58 7.95
C VAL A 114 15.57 48.94 7.98
N ASP A 115 15.26 50.10 7.43
CA ASP A 115 13.89 50.59 7.35
C ASP A 115 13.39 50.34 5.95
N LEU A 116 12.31 49.56 5.86
CA LEU A 116 11.75 49.16 4.59
C LEU A 116 10.23 49.19 4.56
N PHE A 117 9.66 48.92 3.40
CA PHE A 117 8.21 48.89 3.27
C PHE A 117 7.78 47.49 2.86
N CYS A 118 6.68 47.02 3.43
CA CYS A 118 6.10 45.73 3.10
C CYS A 118 4.73 46.10 2.52
N GLY A 119 4.58 45.93 1.21
CA GLY A 119 3.35 46.29 0.53
C GLY A 119 3.61 47.43 -0.45
N ALA A 120 3.28 47.24 -1.72
CA ALA A 120 3.53 48.24 -2.76
C ALA A 120 2.64 49.49 -2.68
N ASN A 121 1.52 49.40 -1.97
CA ASN A 121 0.58 50.52 -1.81
C ASN A 121 0.78 51.25 -0.48
N GLU A 122 0.90 52.56 -0.54
CA GLU A 122 1.12 53.36 0.65
C GLU A 122 -0.04 53.30 1.66
N ASN A 123 -1.26 53.22 1.15
CA ASN A 123 -2.43 53.19 2.01
C ASN A 123 -2.61 51.95 2.89
N THR A 124 -1.90 50.86 2.59
CA THR A 124 -2.02 49.65 3.40
C THR A 124 -0.68 49.01 3.79
N ARG A 125 0.42 49.58 3.34
CA ARG A 125 1.74 49.03 3.65
C ARG A 125 2.15 49.15 5.12
N LEU A 126 3.14 48.36 5.51
CA LEU A 126 3.67 48.40 6.86
C LEU A 126 5.11 48.86 6.77
N LYS A 127 5.51 49.74 7.69
CA LYS A 127 6.88 50.21 7.71
C LYS A 127 7.56 49.28 8.70
N ILE A 128 8.58 48.59 8.22
CA ILE A 128 9.28 47.64 9.03
C ILE A 128 10.69 48.11 9.33
N ARG A 129 11.11 47.96 10.59
CA ARG A 129 12.46 48.30 10.98
C ARG A 129 13.09 46.98 11.39
N PHE A 130 14.15 46.59 10.70
CA PHE A 130 14.84 45.35 10.99
C PHE A 130 16.10 45.72 11.77
N VAL A 131 16.44 44.90 12.76
CA VAL A 131 17.65 45.11 13.55
C VAL A 131 18.33 43.74 13.59
N MET A 132 19.62 43.71 13.23
CA MET A 132 20.41 42.47 13.22
C MET A 132 21.88 42.81 13.37
N GLU A 133 22.70 41.83 13.76
CA GLU A 133 24.14 42.06 13.90
C GLU A 133 24.91 41.41 12.75
N VAL A 134 24.21 40.71 11.87
CA VAL A 134 24.86 40.04 10.75
C VAL A 134 24.58 40.74 9.43
N ALA A 135 25.66 41.10 8.73
CA ALA A 135 25.53 41.80 7.47
C ALA A 135 24.65 41.14 6.40
N TRP A 136 24.84 39.85 6.10
CA TRP A 136 23.97 39.27 5.06
C TRP A 136 22.49 39.25 5.43
N GLN A 137 22.19 39.25 6.73
CA GLN A 137 20.81 39.29 7.15
C GLN A 137 20.23 40.64 6.72
N ALA A 138 20.98 41.73 6.93
CA ALA A 138 20.52 43.05 6.51
C ALA A 138 20.40 43.09 4.99
N HIS A 139 21.26 42.34 4.31
CA HIS A 139 21.26 42.27 2.86
C HIS A 139 19.98 41.54 2.43
N PHE A 140 19.65 40.46 3.12
CA PHE A 140 18.45 39.72 2.78
C PHE A 140 17.20 40.59 2.79
N VAL A 141 16.99 41.37 3.85
CA VAL A 141 15.78 42.20 3.89
C VAL A 141 15.81 43.35 2.90
N THR A 142 17.01 43.82 2.57
CA THR A 142 17.18 44.92 1.62
C THR A 142 16.73 44.46 0.22
N ASN A 143 16.94 43.17 -0.05
CA ASN A 143 16.53 42.58 -1.32
C ASN A 143 15.06 42.23 -1.35
N MET A 144 14.56 41.65 -0.27
CA MET A 144 13.17 41.19 -0.28
C MET A 144 12.09 42.24 0.00
N PHE A 145 12.44 43.34 0.64
CA PHE A 145 11.42 44.33 0.94
C PHE A 145 11.56 45.52 0.00
N ILE A 146 10.53 46.37 -0.01
CA ILE A 146 10.55 47.55 -0.87
C ILE A 146 11.46 48.59 -0.24
N ARG A 147 12.42 49.06 -1.02
CA ARG A 147 13.39 50.03 -0.53
C ARG A 147 12.93 51.49 -0.64
N PRO A 148 12.82 52.17 0.51
CA PRO A 148 12.39 53.57 0.51
C PRO A 148 13.49 54.49 0.01
N THR A 149 13.08 55.62 -0.55
CA THR A 149 14.02 56.62 -1.06
C THR A 149 14.67 57.29 0.15
N GLU A 150 15.74 58.03 -0.10
CA GLU A 150 16.44 58.71 0.98
C GLU A 150 15.53 59.74 1.66
N GLU A 151 14.57 60.28 0.92
CA GLU A 151 13.67 61.27 1.50
C GLU A 151 12.70 60.61 2.48
N GLU A 152 12.17 59.45 2.07
CA GLU A 152 11.22 58.70 2.87
C GLU A 152 11.85 58.14 4.14
N LEU A 153 13.16 57.97 4.12
CA LEU A 153 13.90 57.45 5.28
C LEU A 153 14.00 58.49 6.38
N LYS A 154 13.90 59.75 6.00
CA LYS A 154 13.97 60.83 6.98
C LYS A 154 12.73 60.81 7.85
N GLY A 155 12.92 60.68 9.16
CA GLY A 155 11.80 60.65 10.08
C GLY A 155 10.98 59.38 9.98
N PHE A 156 11.60 58.32 9.47
CA PHE A 156 10.95 57.04 9.30
C PHE A 156 10.50 56.49 10.64
N GLU A 157 9.21 56.22 10.76
CA GLU A 157 8.65 55.68 12.00
C GLU A 157 8.03 54.32 11.70
N PRO A 158 8.66 53.24 12.18
CA PRO A 158 8.20 51.87 11.99
C PRO A 158 6.80 51.58 12.51
N ASP A 159 6.14 50.60 11.90
CA ASP A 159 4.81 50.16 12.32
C ASP A 159 5.07 48.81 12.97
N PHE A 160 6.15 48.16 12.56
CA PHE A 160 6.52 46.86 13.09
C PHE A 160 8.03 46.74 13.18
N VAL A 161 8.50 46.18 14.28
CA VAL A 161 9.93 45.99 14.48
C VAL A 161 10.23 44.50 14.44
N VAL A 162 11.33 44.16 13.77
CA VAL A 162 11.76 42.78 13.66
C VAL A 162 13.20 42.71 14.17
N LEU A 163 13.39 41.96 15.24
CA LEU A 163 14.71 41.79 15.84
C LEU A 163 15.25 40.41 15.48
N ASN A 164 16.29 40.37 14.65
CA ASN A 164 16.84 39.08 14.31
C ASN A 164 17.98 38.78 15.28
N ALA A 165 17.74 37.83 16.18
CA ALA A 165 18.72 37.42 17.18
C ALA A 165 19.02 35.93 17.00
N SER A 166 19.34 35.55 15.77
CA SER A 166 19.64 34.16 15.46
C SER A 166 20.76 33.56 16.31
N LYS A 167 21.71 34.38 16.74
CA LYS A 167 22.80 33.87 17.56
C LYS A 167 22.34 33.45 18.95
N ALA A 168 21.15 33.87 19.36
CA ALA A 168 20.66 33.50 20.68
C ALA A 168 19.71 32.33 20.58
N LYS A 169 19.59 31.56 21.66
CA LYS A 169 18.70 30.41 21.68
C LYS A 169 17.97 30.39 23.00
N VAL A 170 16.81 29.73 23.04
CA VAL A 170 16.01 29.65 24.26
C VAL A 170 16.22 28.31 24.95
N GLU A 171 17.17 28.26 25.87
CA GLU A 171 17.48 27.03 26.60
C GLU A 171 16.35 26.58 27.53
N ASN A 172 15.63 27.54 28.10
CA ASN A 172 14.53 27.20 29.00
C ASN A 172 13.20 27.29 28.27
N PHE A 173 13.19 26.86 27.01
CA PHE A 173 12.00 26.89 26.19
C PHE A 173 10.86 26.07 26.79
N LYS A 174 11.24 25.01 27.48
CA LYS A 174 10.27 24.13 28.12
C LYS A 174 9.37 24.89 29.11
N GLU A 175 9.98 25.63 30.03
CA GLU A 175 9.19 26.36 31.00
C GLU A 175 8.48 27.59 30.43
N LEU A 176 8.91 28.05 29.24
CA LEU A 176 8.27 29.22 28.63
C LEU A 176 7.11 28.81 27.72
N GLY A 177 6.87 27.51 27.61
CA GLY A 177 5.78 27.04 26.78
C GLY A 177 6.17 26.94 25.30
N LEU A 178 7.46 26.91 25.02
CA LEU A 178 7.91 26.82 23.63
C LEU A 178 8.09 25.36 23.22
N ASN A 179 8.48 25.15 21.96
CA ASN A 179 8.68 23.80 21.43
C ASN A 179 10.15 23.37 21.35
N SER A 180 11.06 24.32 21.19
CA SER A 180 12.47 23.99 21.12
C SER A 180 13.28 25.25 21.39
N GLU A 181 14.60 25.15 21.26
CA GLU A 181 15.47 26.30 21.51
C GLU A 181 15.27 27.37 20.44
N THR A 182 14.61 27.01 19.36
CA THR A 182 14.35 27.96 18.28
C THR A 182 13.04 28.67 18.58
N ALA A 183 12.92 29.92 18.18
CA ALA A 183 11.68 30.62 18.44
C ALA A 183 11.47 31.81 17.53
N VAL A 184 10.27 31.90 16.99
CA VAL A 184 9.87 32.99 16.11
C VAL A 184 8.55 33.44 16.74
N VAL A 185 8.61 34.52 17.52
CA VAL A 185 7.44 35.02 18.23
C VAL A 185 6.95 36.38 17.76
N PHE A 186 5.63 36.53 17.82
CA PHE A 186 5.00 37.77 17.39
C PHE A 186 4.17 38.37 18.53
N ASN A 187 4.29 39.68 18.71
CA ASN A 187 3.51 40.39 19.71
C ASN A 187 2.83 41.53 18.95
N LEU A 188 1.52 41.42 18.73
CA LEU A 188 0.78 42.46 18.02
C LEU A 188 0.52 43.69 18.87
N ALA A 189 0.72 43.58 20.17
CA ALA A 189 0.51 44.74 21.03
C ALA A 189 1.73 45.64 20.86
N GLU A 190 2.91 45.07 21.04
CA GLU A 190 4.16 45.81 20.91
C GLU A 190 4.62 45.91 19.45
N LYS A 191 3.87 45.25 18.55
CA LYS A 191 4.15 45.20 17.12
C LYS A 191 5.61 44.85 16.87
N MET A 192 5.97 43.64 17.27
CA MET A 192 7.35 43.19 17.14
C MET A 192 7.47 41.72 16.84
N GLN A 193 8.51 41.40 16.08
CA GLN A 193 8.80 40.02 15.74
C GLN A 193 10.21 39.75 16.21
N ILE A 194 10.40 38.62 16.90
CA ILE A 194 11.73 38.25 17.36
C ILE A 194 12.08 36.92 16.73
N ILE A 195 13.31 36.82 16.25
CA ILE A 195 13.83 35.61 15.63
C ILE A 195 14.98 35.10 16.49
N LEU A 196 14.79 33.95 17.10
CA LEU A 196 15.80 33.32 17.96
C LEU A 196 16.17 31.91 17.51
N ASN A 197 17.47 31.67 17.37
CA ASN A 197 18.00 30.35 17.00
C ASN A 197 17.55 29.71 15.68
N THR A 198 17.58 30.50 14.62
CA THR A 198 17.26 30.01 13.29
C THR A 198 17.76 31.03 12.28
N TRP A 199 18.61 30.55 11.37
CA TRP A 199 19.21 31.41 10.36
C TRP A 199 18.55 31.34 8.99
N TYR A 200 17.41 30.66 8.89
CA TYR A 200 16.74 30.57 7.60
C TYR A 200 16.29 31.96 7.16
N GLY A 201 16.66 32.34 5.95
CA GLY A 201 16.28 33.64 5.43
C GLY A 201 14.80 33.91 5.41
N GLY A 202 14.01 32.94 4.97
CA GLY A 202 12.58 33.11 4.89
C GLY A 202 11.85 33.60 6.15
N GLU A 203 12.41 33.34 7.32
CA GLU A 203 11.76 33.77 8.56
C GLU A 203 11.65 35.29 8.59
N MET A 204 12.56 35.96 7.89
CA MET A 204 12.60 37.41 7.84
C MET A 204 11.56 38.04 6.91
N LYS A 205 11.01 37.26 5.97
CA LYS A 205 9.99 37.81 5.08
C LYS A 205 8.62 37.22 5.41
N LYS A 206 8.59 35.97 5.82
CA LYS A 206 7.33 35.32 6.12
C LYS A 206 6.64 35.83 7.38
N GLY A 207 7.41 36.38 8.31
CA GLY A 207 6.81 36.91 9.51
C GLY A 207 5.91 38.08 9.15
N MET A 208 6.46 39.08 8.46
CA MET A 208 5.65 40.24 8.12
C MET A 208 4.54 39.83 7.14
N PHE A 209 4.77 38.78 6.35
CA PHE A 209 3.75 38.32 5.42
C PHE A 209 2.56 37.92 6.28
N SER A 210 2.84 37.18 7.36
CA SER A 210 1.80 36.74 8.29
C SER A 210 1.05 37.92 8.89
N MET A 211 1.76 39.02 9.16
CA MET A 211 1.14 40.20 9.74
C MET A 211 0.27 40.86 8.66
N MET A 212 0.76 40.92 7.43
CA MET A 212 -0.07 41.50 6.37
C MET A 212 -1.30 40.62 6.20
N ASN A 213 -1.15 39.32 6.44
CA ASN A 213 -2.28 38.39 6.30
C ASN A 213 -3.33 38.60 7.40
N PHE A 214 -2.97 39.44 8.38
CA PHE A 214 -3.88 39.73 9.47
C PHE A 214 -4.62 41.05 9.25
N TYR A 215 -3.85 42.11 8.98
CA TYR A 215 -4.46 43.42 8.78
C TYR A 215 -5.23 43.64 7.48
N LEU A 216 -4.66 43.21 6.35
CA LEU A 216 -5.31 43.39 5.07
C LEU A 216 -6.73 42.80 4.94
N PRO A 217 -6.88 41.50 5.23
CA PRO A 217 -8.22 40.90 5.11
C PRO A 217 -9.24 41.63 5.99
N LEU A 218 -8.79 42.16 7.12
CA LEU A 218 -9.67 42.89 8.03
C LEU A 218 -10.10 44.21 7.40
N GLN A 219 -9.44 44.57 6.31
CA GLN A 219 -9.77 45.80 5.59
C GLN A 219 -10.43 45.43 4.26
N GLY A 220 -10.86 44.18 4.15
CA GLY A 220 -11.51 43.72 2.93
C GLY A 220 -10.54 43.51 1.78
N ILE A 221 -9.26 43.53 2.09
CA ILE A 221 -8.22 43.36 1.09
C ILE A 221 -7.66 41.93 1.20
N ALA A 222 -7.68 41.20 0.09
CA ALA A 222 -7.17 39.83 0.12
C ALA A 222 -5.65 39.81 0.22
N ALA A 223 -5.14 38.86 1.01
CA ALA A 223 -3.70 38.66 1.24
C ALA A 223 -3.47 37.26 0.71
N MET A 224 -2.58 37.15 -0.27
CA MET A 224 -2.37 35.90 -0.94
C MET A 224 -0.96 35.33 -1.12
N HIS A 225 -0.84 34.03 -0.89
CA HIS A 225 0.43 33.33 -1.08
C HIS A 225 0.36 32.92 -2.55
N CYS A 226 0.82 33.81 -3.42
CA CYS A 226 0.72 33.57 -4.85
C CYS A 226 1.72 34.40 -5.64
N SER A 227 1.97 33.97 -6.87
CA SER A 227 2.84 34.73 -7.76
C SER A 227 1.80 35.41 -8.67
N ALA A 228 2.23 36.40 -9.46
CA ALA A 228 1.30 37.11 -10.32
C ALA A 228 2.04 37.87 -11.42
N ASN A 229 1.48 37.84 -12.62
CA ASN A 229 2.06 38.54 -13.76
C ASN A 229 0.96 39.07 -14.69
N THR A 230 1.36 39.79 -15.72
CA THR A 230 0.41 40.36 -16.69
C THR A 230 0.94 40.09 -18.09
N ASP A 231 0.14 40.39 -19.12
CA ASP A 231 0.60 40.21 -20.50
C ASP A 231 1.60 41.34 -20.76
N LEU A 232 2.24 41.33 -21.93
CA LEU A 232 3.22 42.37 -22.25
C LEU A 232 2.59 43.77 -22.33
N GLU A 233 1.27 43.82 -22.39
CA GLU A 233 0.54 45.09 -22.45
C GLU A 233 0.28 45.57 -21.02
N GLY A 234 0.36 44.66 -20.07
CA GLY A 234 0.13 45.00 -18.67
C GLY A 234 -1.31 44.82 -18.23
N LYS A 235 -2.03 43.97 -18.96
CA LYS A 235 -3.44 43.67 -18.66
C LYS A 235 -3.57 42.17 -18.44
N ASN A 236 -4.80 41.72 -18.24
CA ASN A 236 -5.09 40.30 -18.06
C ASN A 236 -4.21 39.66 -16.99
N THR A 237 -4.23 40.26 -15.82
CA THR A 237 -3.46 39.80 -14.69
C THR A 237 -3.84 38.38 -14.32
N ALA A 238 -2.84 37.58 -13.94
CA ALA A 238 -3.08 36.21 -13.52
C ALA A 238 -2.33 35.99 -12.21
N ILE A 239 -2.93 35.18 -11.33
CA ILE A 239 -2.31 34.86 -10.07
C ILE A 239 -2.24 33.34 -9.94
N PHE A 240 -1.18 32.89 -9.28
CA PHE A 240 -0.89 31.47 -9.08
C PHE A 240 -0.72 31.17 -7.60
N PHE A 241 -1.73 30.55 -7.01
CA PHE A 241 -1.71 30.16 -5.61
C PHE A 241 -0.95 28.85 -5.55
N GLY A 242 -0.26 28.60 -4.46
CA GLY A 242 0.48 27.35 -4.34
C GLY A 242 1.28 27.31 -3.07
N LEU A 243 1.41 26.12 -2.51
CA LEU A 243 2.16 25.93 -1.29
C LEU A 243 3.64 26.01 -1.64
N SER A 244 4.46 26.21 -0.62
CA SER A 244 5.90 26.29 -0.75
C SER A 244 6.44 25.24 -1.72
N GLY A 245 7.29 25.68 -2.64
CA GLY A 245 7.92 24.80 -3.62
C GLY A 245 7.05 24.07 -4.63
N THR A 246 5.81 24.53 -4.87
CA THR A 246 4.91 23.85 -5.81
C THR A 246 4.81 24.41 -7.25
N GLY A 247 5.41 25.58 -7.51
CA GLY A 247 5.38 26.10 -8.86
C GLY A 247 5.12 27.58 -9.11
N LYS A 248 4.80 28.33 -8.07
CA LYS A 248 4.50 29.74 -8.24
C LYS A 248 5.60 30.52 -8.96
N THR A 249 6.82 30.41 -8.46
CA THR A 249 7.92 31.14 -9.08
C THR A 249 8.24 30.62 -10.48
N THR A 250 8.34 29.31 -10.60
CA THR A 250 8.62 28.68 -11.88
C THR A 250 7.61 29.06 -12.98
N LEU A 251 6.32 28.84 -12.72
CA LEU A 251 5.28 29.13 -13.70
C LEU A 251 4.92 30.59 -13.95
N SER A 252 5.24 31.47 -13.01
CA SER A 252 4.96 32.90 -13.17
C SER A 252 6.08 33.47 -14.06
N THR A 253 7.16 32.70 -14.21
CA THR A 253 8.28 33.08 -15.05
C THR A 253 7.94 32.75 -16.49
N ASP A 254 7.49 33.76 -17.23
CA ASP A 254 7.05 33.56 -18.61
C ASP A 254 7.56 34.72 -19.45
N PRO A 255 8.16 34.42 -20.60
CA PRO A 255 8.68 35.44 -21.51
C PRO A 255 7.57 36.31 -22.10
N LYS A 256 6.36 35.77 -22.13
CA LYS A 256 5.22 36.49 -22.68
C LYS A 256 4.49 37.24 -21.56
N ARG A 257 5.11 37.30 -20.39
CA ARG A 257 4.48 37.96 -19.25
C ARG A 257 5.39 38.97 -18.54
N LEU A 258 4.75 39.88 -17.81
CA LEU A 258 5.44 40.90 -17.02
C LEU A 258 5.21 40.51 -15.56
N LEU A 259 6.29 40.26 -14.83
CA LEU A 259 6.17 39.83 -13.45
C LEU A 259 5.78 40.91 -12.46
N ILE A 260 4.73 40.65 -11.68
CA ILE A 260 4.30 41.60 -10.68
C ILE A 260 5.07 41.27 -9.41
N GLY A 261 5.04 39.98 -9.07
CA GLY A 261 5.72 39.46 -7.89
C GLY A 261 5.60 37.95 -7.91
N ASP A 262 6.43 37.23 -7.15
CA ASP A 262 6.35 35.77 -7.17
C ASP A 262 5.89 35.04 -5.94
N ASP A 263 5.55 35.74 -4.86
CA ASP A 263 5.20 34.99 -3.67
C ASP A 263 4.10 35.53 -2.75
N GLU A 264 4.10 36.85 -2.57
CA GLU A 264 3.16 37.54 -1.68
C GLU A 264 2.44 38.70 -2.34
N HIS A 265 1.11 38.63 -2.41
CA HIS A 265 0.35 39.69 -3.03
C HIS A 265 -0.97 40.03 -2.36
N GLY A 266 -1.36 41.28 -2.53
CA GLY A 266 -2.62 41.74 -1.99
C GLY A 266 -3.56 41.98 -3.17
N TRP A 267 -4.85 42.02 -2.90
CA TRP A 267 -5.84 42.26 -3.95
C TRP A 267 -6.87 43.23 -3.37
N ASP A 268 -6.69 44.52 -3.64
CA ASP A 268 -7.62 45.53 -3.12
C ASP A 268 -8.57 46.07 -4.18
N ASP A 269 -9.20 47.20 -3.87
CA ASP A 269 -10.14 47.83 -4.78
C ASP A 269 -9.51 48.15 -6.13
N ASP A 270 -8.24 48.54 -6.10
CA ASP A 270 -7.50 48.89 -7.30
C ASP A 270 -7.01 47.67 -8.10
N GLY A 271 -6.55 46.64 -7.40
CA GLY A 271 -6.08 45.45 -8.09
C GLY A 271 -5.11 44.58 -7.30
N VAL A 272 -4.16 43.97 -8.01
CA VAL A 272 -3.17 43.09 -7.40
C VAL A 272 -1.84 43.80 -7.24
N PHE A 273 -1.32 43.78 -6.03
CA PHE A 273 -0.05 44.41 -5.74
C PHE A 273 0.82 43.45 -4.95
N ASN A 274 2.14 43.58 -5.13
CA ASN A 274 3.17 42.76 -4.48
C ASN A 274 3.48 43.39 -3.12
N PHE A 275 3.83 42.56 -2.15
CA PHE A 275 4.19 43.00 -0.81
C PHE A 275 5.70 43.20 -0.75
N GLU A 276 6.41 42.49 -1.62
CA GLU A 276 7.86 42.54 -1.60
C GLU A 276 8.53 43.35 -2.69
N GLY A 277 9.83 43.55 -2.54
CA GLY A 277 10.62 44.30 -3.51
C GLY A 277 11.68 43.40 -4.12
N GLY A 278 11.49 42.09 -3.99
CA GLY A 278 12.45 41.13 -4.51
C GLY A 278 11.89 39.72 -4.62
N CYS A 279 12.71 38.77 -5.08
CA CYS A 279 12.21 37.41 -5.20
C CYS A 279 13.14 36.46 -4.45
N TYR A 280 12.54 35.57 -3.67
CA TYR A 280 13.27 34.58 -2.89
C TYR A 280 13.07 33.26 -3.61
N ALA A 281 13.76 33.09 -4.73
CA ALA A 281 13.60 31.89 -5.55
C ALA A 281 14.38 30.64 -5.21
N LYS A 282 13.80 29.49 -5.56
CA LYS A 282 14.46 28.21 -5.35
C LYS A 282 15.41 28.06 -6.54
N VAL A 283 16.59 27.51 -6.29
CA VAL A 283 17.60 27.33 -7.32
C VAL A 283 18.07 25.88 -7.52
N ILE A 284 17.44 24.92 -6.83
CA ILE A 284 17.85 23.53 -6.99
C ILE A 284 17.67 23.10 -8.45
N ASN A 285 18.73 22.50 -8.99
CA ASN A 285 18.78 22.03 -10.37
C ASN A 285 18.72 23.17 -11.38
N LEU A 286 19.04 24.38 -10.92
CA LEU A 286 19.02 25.54 -11.79
C LEU A 286 20.04 25.42 -12.93
N SER A 287 19.69 25.96 -14.10
CA SER A 287 20.59 25.95 -15.24
C SER A 287 20.26 27.18 -16.06
N LYS A 288 21.27 27.75 -16.71
CA LYS A 288 21.10 28.94 -17.53
C LYS A 288 20.13 28.71 -18.67
N GLU A 289 20.12 27.48 -19.18
CA GLU A 289 19.27 27.16 -20.29
C GLU A 289 17.80 26.98 -19.89
N ASN A 290 17.55 26.34 -18.75
CA ASN A 290 16.18 26.13 -18.30
C ASN A 290 15.57 27.31 -17.54
N GLU A 291 16.40 28.10 -16.88
CA GLU A 291 15.88 29.24 -16.13
C GLU A 291 16.73 30.48 -16.42
N PRO A 292 16.64 31.01 -17.65
CA PRO A 292 17.40 32.20 -18.07
C PRO A 292 17.29 33.37 -17.10
N ASP A 293 16.07 33.77 -16.75
CA ASP A 293 15.85 34.90 -15.85
C ASP A 293 16.47 34.79 -14.46
N ILE A 294 16.12 33.73 -13.74
CA ILE A 294 16.66 33.54 -12.41
C ILE A 294 18.18 33.52 -12.49
N TRP A 295 18.70 32.78 -13.47
CA TRP A 295 20.13 32.65 -13.68
C TRP A 295 20.77 34.03 -13.88
N GLY A 296 20.17 34.82 -14.77
CA GLY A 296 20.70 36.16 -15.02
C GLY A 296 20.56 37.08 -13.82
N ALA A 297 19.55 36.81 -12.99
CA ALA A 297 19.31 37.62 -11.81
C ALA A 297 20.38 37.33 -10.75
N ILE A 298 21.03 36.18 -10.87
CA ILE A 298 22.06 35.82 -9.90
C ILE A 298 23.40 36.47 -10.27
N LYS A 299 23.67 37.62 -9.65
CA LYS A 299 24.88 38.37 -9.91
C LYS A 299 25.14 39.15 -8.61
N ARG A 300 26.16 40.01 -8.61
CA ARG A 300 26.45 40.78 -7.41
C ARG A 300 25.20 41.53 -6.94
N ASN A 301 24.97 41.48 -5.62
CA ASN A 301 23.83 42.11 -4.94
C ASN A 301 22.73 41.10 -4.70
N ALA A 302 22.91 39.91 -5.26
CA ALA A 302 21.94 38.83 -5.05
C ALA A 302 22.58 38.03 -3.94
N LEU A 303 21.79 37.23 -3.24
CA LEU A 303 22.35 36.45 -2.15
C LEU A 303 21.93 34.99 -2.24
N LEU A 304 22.88 34.15 -2.61
CA LEU A 304 22.64 32.72 -2.73
C LEU A 304 22.52 32.17 -1.31
N GLU A 305 21.71 31.15 -1.11
CA GLU A 305 21.57 30.59 0.23
C GLU A 305 21.56 29.05 0.25
N ASN A 306 22.57 28.51 0.92
CA ASN A 306 22.80 27.07 1.10
C ASN A 306 23.19 26.29 -0.16
N VAL A 307 23.64 26.98 -1.20
CA VAL A 307 24.04 26.28 -2.41
C VAL A 307 25.46 25.77 -2.19
N THR A 308 25.81 24.68 -2.84
CA THR A 308 27.14 24.10 -2.71
C THR A 308 28.14 24.91 -3.53
N VAL A 309 29.16 25.42 -2.85
CA VAL A 309 30.21 26.23 -3.48
C VAL A 309 31.56 25.66 -3.00
N ASP A 310 32.46 25.41 -3.94
CA ASP A 310 33.79 24.89 -3.57
C ASP A 310 34.81 26.01 -3.48
N ALA A 311 36.07 25.60 -3.27
CA ALA A 311 37.20 26.52 -3.15
C ALA A 311 37.28 27.57 -4.25
N ASN A 312 37.21 27.14 -5.50
CA ASN A 312 37.29 28.07 -6.63
C ASN A 312 36.05 28.95 -6.73
N GLY A 313 35.07 28.68 -5.88
CA GLY A 313 33.85 29.46 -5.90
C GLY A 313 32.88 28.97 -6.97
N LYS A 314 33.03 27.71 -7.34
CA LYS A 314 32.17 27.09 -8.34
C LYS A 314 30.92 26.57 -7.62
N VAL A 315 29.77 26.76 -8.23
CA VAL A 315 28.52 26.33 -7.61
C VAL A 315 27.87 25.09 -8.22
N ASP A 316 27.43 24.19 -7.35
CA ASP A 316 26.76 22.97 -7.81
C ASP A 316 25.28 23.06 -7.44
N PHE A 317 24.49 23.69 -8.32
CA PHE A 317 23.07 23.85 -8.07
C PHE A 317 22.27 22.55 -7.92
N ALA A 318 22.86 21.42 -8.28
CA ALA A 318 22.16 20.15 -8.19
C ALA A 318 22.29 19.41 -6.85
N ASP A 319 23.25 19.79 -6.02
CA ASP A 319 23.44 19.10 -4.74
C ASP A 319 22.33 19.39 -3.74
N LYS A 320 21.60 18.35 -3.37
CA LYS A 320 20.54 18.50 -2.39
C LYS A 320 20.81 17.63 -1.16
N SER A 321 22.05 17.16 -1.04
CA SER A 321 22.43 16.32 0.09
C SER A 321 22.05 16.98 1.43
N VAL A 322 22.38 18.27 1.55
CA VAL A 322 22.03 19.00 2.76
C VAL A 322 20.55 19.41 2.67
N THR A 323 20.17 20.02 1.54
CA THR A 323 18.76 20.42 1.33
C THR A 323 18.45 20.71 -0.13
N GLU A 324 17.21 20.46 -0.55
CA GLU A 324 16.86 20.77 -1.92
C GLU A 324 16.18 22.14 -1.92
N ASN A 325 16.05 22.75 -0.74
CA ASN A 325 15.45 24.07 -0.61
C ASN A 325 16.53 25.15 -0.70
N THR A 326 17.42 25.04 -1.67
CA THR A 326 18.47 26.03 -1.85
C THR A 326 17.78 27.25 -2.43
N ARG A 327 18.19 28.41 -1.97
CA ARG A 327 17.55 29.65 -2.37
C ARG A 327 18.50 30.73 -2.86
N VAL A 328 17.91 31.83 -3.30
CA VAL A 328 18.64 33.00 -3.72
C VAL A 328 17.64 34.15 -3.65
N SER A 329 18.06 35.27 -3.06
CA SER A 329 17.19 36.44 -2.99
C SER A 329 17.88 37.50 -3.84
N TYR A 330 17.08 38.42 -4.38
CA TYR A 330 17.59 39.54 -5.19
C TYR A 330 16.52 40.58 -5.46
N PRO A 331 16.94 41.85 -5.61
CA PRO A 331 15.96 42.91 -5.88
C PRO A 331 15.16 42.47 -7.09
N ILE A 332 13.88 42.80 -7.11
CA ILE A 332 13.05 42.40 -8.23
C ILE A 332 13.55 42.99 -9.55
N PHE A 333 14.24 44.14 -9.49
CA PHE A 333 14.72 44.74 -10.73
C PHE A 333 15.89 43.97 -11.36
N HIS A 334 16.21 42.81 -10.79
CA HIS A 334 17.27 41.97 -11.36
C HIS A 334 16.63 41.17 -12.48
N ILE A 335 15.32 41.27 -12.60
CA ILE A 335 14.57 40.59 -13.65
C ILE A 335 14.16 41.65 -14.68
N LYS A 336 14.29 41.31 -15.97
CA LYS A 336 13.95 42.23 -17.05
C LYS A 336 12.46 42.46 -17.20
N ASN A 337 11.69 41.39 -17.41
CA ASN A 337 10.26 41.52 -17.59
C ASN A 337 9.49 41.66 -16.28
N ILE A 338 9.35 42.89 -15.82
CA ILE A 338 8.63 43.16 -14.59
C ILE A 338 7.76 44.40 -14.74
N VAL A 339 6.66 44.44 -14.01
CA VAL A 339 5.74 45.56 -14.02
C VAL A 339 6.46 46.71 -13.30
N LYS A 340 6.34 47.93 -13.82
CA LYS A 340 7.00 49.09 -13.21
C LYS A 340 6.21 50.35 -13.53
N PRO A 341 6.49 51.47 -12.83
CA PRO A 341 7.50 51.59 -11.76
C PRO A 341 7.09 51.03 -10.39
N VAL A 342 5.90 50.46 -10.30
CA VAL A 342 5.43 49.89 -9.04
C VAL A 342 4.87 48.49 -9.29
N SER A 343 5.16 47.57 -8.37
CA SER A 343 4.70 46.20 -8.51
C SER A 343 3.22 46.05 -8.17
N LYS A 344 2.39 46.48 -9.11
CA LYS A 344 0.95 46.41 -8.94
C LYS A 344 0.33 46.36 -10.32
N ALA A 345 -0.84 45.75 -10.41
CA ALA A 345 -1.52 45.62 -11.68
C ALA A 345 -3.03 45.50 -11.47
N PRO A 346 -3.79 45.46 -12.58
CA PRO A 346 -5.24 45.33 -12.48
C PRO A 346 -5.71 43.99 -11.90
N ALA A 347 -6.99 43.96 -11.53
CA ALA A 347 -7.61 42.77 -10.95
C ALA A 347 -7.31 41.53 -11.80
N ALA A 348 -7.11 40.38 -11.15
CA ALA A 348 -6.80 39.15 -11.87
C ALA A 348 -7.98 38.65 -12.70
N LYS A 349 -7.68 38.11 -13.88
CA LYS A 349 -8.71 37.55 -14.76
C LYS A 349 -8.65 36.04 -14.74
N ARG A 350 -7.50 35.49 -14.35
CA ARG A 350 -7.32 34.05 -14.26
C ARG A 350 -6.70 33.73 -12.90
N VAL A 351 -7.33 32.85 -12.15
CA VAL A 351 -6.82 32.47 -10.85
C VAL A 351 -6.48 31.00 -10.93
N ILE A 352 -5.20 30.69 -10.70
CA ILE A 352 -4.75 29.31 -10.79
C ILE A 352 -4.34 28.72 -9.46
N PHE A 353 -4.90 27.56 -9.14
CA PHE A 353 -4.55 26.89 -7.88
C PHE A 353 -3.55 25.81 -8.22
N LEU A 354 -2.31 25.99 -7.76
CA LEU A 354 -1.29 24.98 -8.05
C LEU A 354 -1.30 23.97 -6.91
N SER A 355 -1.32 22.68 -7.29
CA SER A 355 -1.32 21.59 -6.32
C SER A 355 -0.34 20.51 -6.74
N ALA A 356 0.59 20.19 -5.85
CA ALA A 356 1.55 19.13 -6.13
C ALA A 356 0.98 17.85 -5.53
N ASP A 357 0.11 17.17 -6.29
CA ASP A 357 -0.52 15.94 -5.83
C ASP A 357 0.41 14.74 -5.95
N ALA A 358 0.92 14.33 -4.80
CA ALA A 358 1.84 13.20 -4.71
C ALA A 358 1.07 11.89 -4.84
N PHE A 359 -0.25 11.96 -4.93
CA PHE A 359 -1.04 10.74 -5.07
C PHE A 359 -1.21 10.36 -6.54
N GLY A 360 -1.01 11.32 -7.42
CA GLY A 360 -1.16 11.05 -8.84
C GLY A 360 -2.61 10.86 -9.24
N VAL A 361 -3.51 11.57 -8.56
CA VAL A 361 -4.94 11.48 -8.84
C VAL A 361 -5.48 12.67 -9.61
N LEU A 362 -5.05 13.88 -9.24
CA LEU A 362 -5.54 15.10 -9.88
C LEU A 362 -5.06 15.27 -11.31
N PRO A 363 -6.00 15.61 -12.20
CA PRO A 363 -5.60 15.81 -13.60
C PRO A 363 -4.71 17.04 -13.71
N PRO A 364 -3.91 17.14 -14.78
CA PRO A 364 -3.00 18.26 -15.03
C PRO A 364 -3.74 19.61 -14.94
N VAL A 365 -4.97 19.64 -15.42
CA VAL A 365 -5.78 20.88 -15.34
C VAL A 365 -7.28 20.65 -15.29
N SER A 366 -7.92 21.24 -14.29
CA SER A 366 -9.36 21.15 -14.13
C SER A 366 -9.98 22.57 -14.11
N ILE A 367 -11.03 22.75 -14.92
CA ILE A 367 -11.76 24.02 -15.04
C ILE A 367 -12.83 23.99 -13.95
N LEU A 368 -12.60 24.77 -12.90
CA LEU A 368 -13.48 24.82 -11.73
C LEU A 368 -14.74 25.67 -11.80
N SER A 369 -15.80 25.20 -11.16
CA SER A 369 -17.05 25.95 -11.11
C SER A 369 -16.95 26.95 -9.95
N LYS A 370 -18.01 27.69 -9.70
CA LYS A 370 -17.99 28.67 -8.61
C LYS A 370 -17.80 27.93 -7.29
N GLU A 371 -18.67 26.95 -7.03
CA GLU A 371 -18.61 26.17 -5.80
C GLU A 371 -17.26 25.44 -5.62
N GLN A 372 -16.74 24.89 -6.71
CA GLN A 372 -15.47 24.18 -6.65
C GLN A 372 -14.33 25.13 -6.36
N THR A 373 -14.41 26.34 -6.89
CA THR A 373 -13.37 27.32 -6.68
C THR A 373 -13.16 27.59 -5.20
N LYS A 374 -14.26 27.80 -4.49
CA LYS A 374 -14.19 28.07 -3.06
C LYS A 374 -13.80 26.83 -2.30
N TYR A 375 -14.42 25.72 -2.67
CA TYR A 375 -14.15 24.46 -2.00
C TYR A 375 -12.68 24.04 -2.07
N TYR A 376 -12.09 24.01 -3.26
CA TYR A 376 -10.70 23.61 -3.37
C TYR A 376 -9.69 24.63 -2.84
N PHE A 377 -10.11 25.90 -2.79
CA PHE A 377 -9.24 26.95 -2.26
C PHE A 377 -9.16 26.75 -0.74
N LEU A 378 -10.30 26.43 -0.11
CA LEU A 378 -10.34 26.22 1.33
C LEU A 378 -9.62 24.91 1.70
N SER A 379 -9.80 23.88 0.87
CA SER A 379 -9.17 22.60 1.14
C SER A 379 -7.65 22.70 1.01
N GLY A 380 -7.20 23.39 -0.03
CA GLY A 380 -5.78 23.56 -0.26
C GLY A 380 -4.99 22.28 -0.31
N PHE A 381 -5.58 21.23 -0.89
CA PHE A 381 -4.91 19.96 -0.98
C PHE A 381 -3.70 20.05 -1.90
N THR A 382 -2.56 19.60 -1.40
CA THR A 382 -1.30 19.64 -2.14
C THR A 382 -0.27 18.80 -1.35
N ALA A 383 0.97 19.28 -1.20
CA ALA A 383 1.96 18.51 -0.45
C ALA A 383 3.11 19.39 0.03
N LYS A 384 3.65 19.05 1.19
CA LYS A 384 4.79 19.75 1.75
C LYS A 384 5.95 19.04 1.05
N LEU A 385 6.85 19.82 0.45
CA LEU A 385 7.96 19.25 -0.29
C LEU A 385 9.30 19.96 -0.13
N ALA A 386 10.28 19.46 -0.88
CA ALA A 386 11.63 19.99 -0.97
C ALA A 386 12.24 20.68 0.25
N GLY A 387 11.87 20.23 1.45
CA GLY A 387 12.41 20.82 2.66
C GLY A 387 12.03 22.26 2.93
N THR A 388 10.88 22.69 2.44
CA THR A 388 10.39 24.06 2.65
C THR A 388 10.10 24.32 4.13
N GLU A 389 9.92 23.23 4.87
CA GLU A 389 9.71 23.27 6.31
C GLU A 389 10.71 22.25 6.84
N ARG A 390 11.36 22.58 7.95
CA ARG A 390 12.35 21.67 8.52
C ARG A 390 11.75 20.32 8.88
N GLY A 391 12.41 19.26 8.40
CA GLY A 391 11.92 17.92 8.68
C GLY A 391 11.27 17.26 7.48
N ILE A 392 10.65 18.05 6.61
CA ILE A 392 10.02 17.47 5.43
C ILE A 392 11.03 17.21 4.32
N THR A 393 11.28 15.94 4.04
CA THR A 393 12.22 15.57 3.00
C THR A 393 11.48 15.03 1.78
N GLU A 394 10.63 14.04 2.01
CA GLU A 394 9.87 13.43 0.93
C GLU A 394 8.50 14.08 0.81
N PRO A 395 7.90 14.03 -0.38
CA PRO A 395 6.57 14.61 -0.62
C PRO A 395 5.57 14.15 0.42
N THR A 396 4.97 15.09 1.12
CA THR A 396 4.01 14.73 2.15
C THR A 396 2.64 15.35 1.87
N PRO A 397 1.67 14.50 1.46
CA PRO A 397 0.33 15.02 1.18
C PRO A 397 -0.18 15.85 2.35
N THR A 398 -0.87 16.95 2.07
CA THR A 398 -1.39 17.76 3.15
C THR A 398 -2.58 18.65 2.73
N PHE A 399 -3.33 19.11 3.71
CA PHE A 399 -4.45 20.02 3.44
C PHE A 399 -4.02 21.35 4.05
N SER A 400 -3.39 22.19 3.23
CA SER A 400 -2.93 23.49 3.67
C SER A 400 -3.93 24.53 3.15
N SER A 401 -4.88 24.89 4.01
CA SER A 401 -5.91 25.84 3.63
C SER A 401 -5.37 27.06 2.87
N CYS A 402 -6.07 27.41 1.79
CA CYS A 402 -5.70 28.56 0.97
C CYS A 402 -4.29 28.44 0.40
N PHE A 403 -3.78 27.21 0.35
CA PHE A 403 -2.43 26.93 -0.15
C PHE A 403 -1.35 27.76 0.56
N GLY A 404 -1.56 28.02 1.84
CA GLY A 404 -0.58 28.78 2.61
C GLY A 404 -1.04 28.91 4.05
N ALA A 405 -1.50 27.78 4.60
CA ALA A 405 -2.01 27.71 5.97
C ALA A 405 -1.01 28.13 7.01
N ALA A 406 0.25 27.79 6.76
CA ALA A 406 1.32 28.12 7.69
C ALA A 406 1.52 29.62 7.87
N PHE A 407 0.91 30.42 7.00
CA PHE A 407 1.02 31.89 7.06
C PHE A 407 -0.32 32.55 7.37
N LEU A 408 -1.35 31.75 7.54
CA LEU A 408 -2.69 32.26 7.82
C LEU A 408 -2.85 32.66 9.28
N THR A 409 -3.18 33.92 9.54
CA THR A 409 -3.38 34.39 10.91
C THR A 409 -4.85 34.64 11.21
N LEU A 410 -5.69 34.43 10.22
CA LEU A 410 -7.13 34.59 10.38
C LEU A 410 -7.71 33.28 9.85
N PRO A 411 -8.98 33.00 10.17
CA PRO A 411 -9.55 31.75 9.66
C PRO A 411 -9.53 31.71 8.14
N PRO A 412 -9.29 30.53 7.54
CA PRO A 412 -9.26 30.43 6.07
C PRO A 412 -10.50 31.00 5.38
N THR A 413 -11.66 30.79 5.99
CA THR A 413 -12.93 31.28 5.44
C THR A 413 -12.86 32.80 5.16
N LYS A 414 -12.10 33.53 5.96
CA LYS A 414 -11.98 34.97 5.77
C LYS A 414 -11.22 35.25 4.46
N TYR A 415 -10.20 34.46 4.21
CA TYR A 415 -9.40 34.61 3.01
C TYR A 415 -10.22 34.25 1.78
N ALA A 416 -10.99 33.17 1.90
CA ALA A 416 -11.84 32.71 0.80
C ALA A 416 -12.90 33.75 0.49
N GLU A 417 -13.49 34.30 1.55
CA GLU A 417 -14.53 35.31 1.42
C GLU A 417 -14.09 36.49 0.55
N VAL A 418 -12.97 37.11 0.91
CA VAL A 418 -12.47 38.25 0.16
C VAL A 418 -12.00 37.87 -1.24
N LEU A 419 -11.38 36.69 -1.38
CA LEU A 419 -10.91 36.26 -2.69
C LEU A 419 -12.08 36.11 -3.65
N VAL A 420 -13.13 35.41 -3.22
CA VAL A 420 -14.31 35.21 -4.07
C VAL A 420 -14.90 36.57 -4.43
N LYS A 421 -14.99 37.43 -3.43
CA LYS A 421 -15.52 38.77 -3.62
C LYS A 421 -14.81 39.49 -4.76
N ARG A 422 -13.47 39.47 -4.72
CA ARG A 422 -12.66 40.12 -5.76
C ARG A 422 -12.77 39.44 -7.11
N MET A 423 -12.81 38.11 -7.10
CA MET A 423 -12.92 37.35 -8.34
C MET A 423 -14.27 37.64 -8.99
N GLU A 424 -15.31 37.74 -8.16
CA GLU A 424 -16.63 38.02 -8.70
C GLU A 424 -16.67 39.39 -9.37
N ALA A 425 -16.03 40.37 -8.76
CA ALA A 425 -16.01 41.74 -9.31
C ALA A 425 -15.21 41.85 -10.60
N SER A 426 -14.16 41.04 -10.75
CA SER A 426 -13.35 41.13 -11.96
C SER A 426 -13.72 40.07 -12.99
N GLY A 427 -14.66 39.19 -12.63
CA GLY A 427 -15.08 38.15 -13.54
C GLY A 427 -13.98 37.13 -13.80
N ALA A 428 -13.13 36.89 -12.80
CA ALA A 428 -12.05 35.93 -12.97
C ALA A 428 -12.52 34.47 -12.96
N LYS A 429 -11.78 33.63 -13.66
CA LYS A 429 -12.09 32.20 -13.71
C LYS A 429 -10.96 31.47 -12.98
N ALA A 430 -11.31 30.39 -12.29
CA ALA A 430 -10.34 29.61 -11.54
C ALA A 430 -10.08 28.22 -12.13
N TYR A 431 -8.88 27.71 -11.87
CA TYR A 431 -8.42 26.42 -12.38
C TYR A 431 -7.54 25.70 -11.35
N LEU A 432 -7.62 24.36 -11.35
CA LEU A 432 -6.81 23.57 -10.44
C LEU A 432 -5.77 22.88 -11.33
N VAL A 433 -4.50 23.22 -11.13
CA VAL A 433 -3.42 22.65 -11.92
C VAL A 433 -2.49 21.76 -11.09
N ASN A 434 -2.31 20.52 -11.52
CA ASN A 434 -1.45 19.55 -10.83
C ASN A 434 -0.01 19.78 -11.29
N THR A 435 0.85 20.24 -10.37
CA THR A 435 2.24 20.44 -10.70
C THR A 435 2.95 19.26 -10.06
N GLY A 436 2.16 18.30 -9.61
CA GLY A 436 2.69 17.13 -8.96
C GLY A 436 2.92 15.93 -9.86
N TRP A 437 2.53 14.78 -9.34
CA TRP A 437 2.74 13.50 -10.02
C TRP A 437 1.50 12.87 -10.67
N ASN A 438 1.76 11.92 -11.55
CA ASN A 438 0.68 11.18 -12.20
C ASN A 438 1.07 9.71 -12.26
N GLY A 439 0.27 8.94 -12.97
CA GLY A 439 0.48 7.50 -13.10
C GLY A 439 1.91 7.03 -13.34
N THR A 440 2.69 7.83 -14.04
CA THR A 440 4.08 7.47 -14.34
C THR A 440 4.96 7.47 -13.09
N GLY A 441 4.43 7.93 -11.97
CA GLY A 441 5.25 7.96 -10.77
C GLY A 441 6.22 9.14 -10.80
N LYS A 442 6.14 9.94 -11.86
CA LYS A 442 7.00 11.10 -11.99
C LYS A 442 6.14 12.36 -12.09
N ARG A 443 6.74 13.53 -11.87
CA ARG A 443 5.97 14.76 -11.95
C ARG A 443 5.58 15.14 -13.36
N ILE A 444 4.41 15.74 -13.50
CA ILE A 444 3.93 16.18 -14.80
C ILE A 444 5.00 17.06 -15.43
N SER A 445 5.25 16.84 -16.71
CA SER A 445 6.25 17.60 -17.46
C SER A 445 6.01 19.10 -17.38
N ILE A 446 7.08 19.86 -17.15
CA ILE A 446 6.97 21.31 -17.07
C ILE A 446 6.54 21.84 -18.43
N LYS A 447 6.96 21.17 -19.51
CA LYS A 447 6.59 21.58 -20.85
C LYS A 447 5.07 21.56 -21.00
N ASP A 448 4.45 20.48 -20.59
CA ASP A 448 3.00 20.37 -20.69
C ASP A 448 2.30 21.34 -19.76
N THR A 449 2.83 21.48 -18.56
CA THR A 449 2.24 22.39 -17.57
C THR A 449 2.26 23.83 -18.10
N ARG A 450 3.39 24.23 -18.70
CA ARG A 450 3.50 25.58 -19.25
C ARG A 450 2.52 25.72 -20.41
N GLY A 451 2.31 24.63 -21.14
CA GLY A 451 1.38 24.65 -22.25
C GLY A 451 -0.04 24.86 -21.74
N ILE A 452 -0.33 24.25 -20.58
CA ILE A 452 -1.64 24.39 -19.95
C ILE A 452 -1.78 25.84 -19.47
N ILE A 453 -0.73 26.35 -18.83
CA ILE A 453 -0.75 27.73 -18.34
C ILE A 453 -1.03 28.69 -19.49
N ASP A 454 -0.43 28.42 -20.65
CA ASP A 454 -0.63 29.24 -21.84
C ASP A 454 -2.07 29.24 -22.33
N ALA A 455 -2.70 28.07 -22.31
CA ALA A 455 -4.07 27.89 -22.75
C ALA A 455 -5.03 28.61 -21.82
N ILE A 456 -4.64 28.72 -20.56
CA ILE A 456 -5.46 29.39 -19.57
C ILE A 456 -5.38 30.90 -19.75
N LEU A 457 -4.15 31.40 -19.89
CA LEU A 457 -3.92 32.82 -20.05
C LEU A 457 -4.41 33.42 -21.36
N ASP A 458 -4.43 32.65 -22.44
CA ASP A 458 -4.90 33.20 -23.70
C ASP A 458 -6.36 32.89 -24.00
N GLY A 459 -7.03 32.20 -23.09
CA GLY A 459 -8.44 31.90 -23.30
C GLY A 459 -8.71 30.63 -24.08
N SER A 460 -7.67 30.05 -24.67
CA SER A 460 -7.83 28.82 -25.43
C SER A 460 -8.66 27.78 -24.68
N ILE A 461 -8.36 27.61 -23.40
CA ILE A 461 -9.07 26.62 -22.60
C ILE A 461 -10.58 26.88 -22.53
N ASP A 462 -10.96 28.14 -22.67
CA ASP A 462 -12.36 28.56 -22.64
C ASP A 462 -13.21 27.85 -23.69
N THR A 463 -12.62 27.53 -24.84
CA THR A 463 -13.38 26.87 -25.91
C THR A 463 -12.91 25.45 -26.25
N ALA A 464 -12.10 24.88 -25.37
CA ALA A 464 -11.60 23.52 -25.60
C ALA A 464 -12.65 22.46 -25.34
N ASN A 465 -12.56 21.33 -26.04
CA ASN A 465 -13.50 20.25 -25.79
C ASN A 465 -13.25 19.74 -24.39
N THR A 466 -14.32 19.38 -23.69
CA THR A 466 -14.18 18.92 -22.31
C THR A 466 -14.81 17.56 -21.99
N ALA A 467 -14.44 17.02 -20.84
CA ALA A 467 -14.96 15.74 -20.35
C ALA A 467 -15.05 15.86 -18.83
N THR A 468 -15.65 14.86 -18.19
CA THR A 468 -15.80 14.88 -16.75
C THR A 468 -15.02 13.75 -16.08
N ILE A 469 -14.24 14.12 -15.06
CA ILE A 469 -13.45 13.16 -14.31
C ILE A 469 -14.34 12.71 -13.15
N PRO A 470 -14.45 11.39 -12.95
CA PRO A 470 -15.26 10.77 -11.89
C PRO A 470 -14.82 11.15 -10.48
N TYR A 471 -15.76 10.99 -9.54
CA TYR A 471 -15.57 11.23 -8.11
C TYR A 471 -15.44 12.69 -7.72
N PHE A 472 -14.59 13.42 -8.41
CA PHE A 472 -14.39 14.83 -8.11
C PHE A 472 -15.27 15.68 -8.99
N ASN A 473 -15.72 15.08 -10.09
CA ASN A 473 -16.53 15.75 -11.08
C ASN A 473 -15.78 16.94 -11.66
N PHE A 474 -14.53 16.70 -11.99
CA PHE A 474 -13.68 17.73 -12.58
C PHE A 474 -13.95 17.88 -14.06
N THR A 475 -14.06 19.13 -14.51
CA THR A 475 -14.25 19.39 -15.92
C THR A 475 -12.84 19.58 -16.47
N VAL A 476 -12.42 18.69 -17.37
CA VAL A 476 -11.09 18.78 -17.95
C VAL A 476 -11.13 18.82 -19.47
N PRO A 477 -10.18 19.53 -20.10
CA PRO A 477 -10.16 19.61 -21.57
C PRO A 477 -9.66 18.28 -22.12
N THR A 478 -10.30 17.77 -23.17
CA THR A 478 -9.87 16.50 -23.73
C THR A 478 -8.63 16.71 -24.57
N GLU A 479 -8.37 17.95 -24.94
CA GLU A 479 -7.20 18.26 -25.75
C GLU A 479 -6.90 19.75 -25.76
N LEU A 480 -5.63 20.08 -25.96
CA LEU A 480 -5.18 21.45 -25.99
C LEU A 480 -3.98 21.59 -26.92
N LYS A 481 -3.85 22.73 -27.57
CA LYS A 481 -2.72 22.93 -28.47
C LYS A 481 -1.45 23.06 -27.64
N GLY A 482 -0.37 22.47 -28.12
CA GLY A 482 0.89 22.52 -27.41
C GLY A 482 0.88 21.78 -26.08
N VAL A 483 0.09 20.71 -25.98
CA VAL A 483 0.02 19.93 -24.74
C VAL A 483 -0.16 18.46 -25.05
N ASP A 484 0.62 17.62 -24.39
CA ASP A 484 0.52 16.19 -24.58
C ASP A 484 -0.90 15.77 -24.18
N THR A 485 -1.62 15.16 -25.11
CA THR A 485 -3.01 14.75 -24.89
C THR A 485 -3.21 13.68 -23.83
N LYS A 486 -2.36 12.67 -23.87
CA LYS A 486 -2.44 11.55 -22.94
C LYS A 486 -2.52 11.90 -21.47
N ILE A 487 -1.77 12.89 -21.02
CA ILE A 487 -1.77 13.23 -19.60
C ILE A 487 -2.98 13.98 -19.07
N LEU A 488 -3.72 14.64 -19.97
CA LEU A 488 -4.89 15.43 -19.58
C LEU A 488 -5.88 14.62 -18.73
N ASP A 489 -5.99 13.33 -18.99
CA ASP A 489 -6.86 12.48 -18.19
C ASP A 489 -5.99 11.68 -17.21
N PRO A 490 -6.13 11.97 -15.91
CA PRO A 490 -5.35 11.29 -14.85
C PRO A 490 -5.28 9.77 -14.92
N ARG A 491 -6.27 9.17 -15.56
CA ARG A 491 -6.31 7.73 -15.67
C ARG A 491 -5.36 7.14 -16.72
N ASN A 492 -5.04 7.92 -17.74
CA ASN A 492 -4.18 7.41 -18.82
C ASN A 492 -2.74 7.01 -18.48
N THR A 493 -2.21 7.50 -17.37
CA THR A 493 -0.85 7.14 -17.00
C THR A 493 -0.81 5.94 -16.04
N TYR A 494 -1.93 5.25 -15.90
CA TYR A 494 -2.03 4.05 -15.04
C TYR A 494 -2.29 2.83 -15.93
N ALA A 495 -1.64 1.70 -15.62
CA ALA A 495 -1.83 0.49 -16.41
C ALA A 495 -3.30 0.07 -16.37
N ASP A 496 -3.86 0.08 -15.17
CA ASP A 496 -5.26 -0.27 -14.98
C ASP A 496 -5.99 0.90 -14.34
N ALA A 497 -7.01 1.41 -15.03
CA ALA A 497 -7.80 2.53 -14.54
C ALA A 497 -8.29 2.33 -13.11
N SER A 498 -8.43 1.08 -12.70
CA SER A 498 -8.89 0.78 -11.36
C SER A 498 -7.94 1.34 -10.32
N GLU A 499 -6.65 1.38 -10.64
CA GLU A 499 -5.64 1.91 -9.71
C GLU A 499 -5.99 3.34 -9.35
N TRP A 500 -6.24 4.15 -10.38
CA TRP A 500 -6.59 5.56 -10.18
C TRP A 500 -7.90 5.69 -9.40
N GLU A 501 -8.90 4.90 -9.79
CA GLU A 501 -10.21 4.95 -9.16
C GLU A 501 -10.18 4.76 -7.65
N VAL A 502 -9.52 3.70 -7.20
CA VAL A 502 -9.42 3.42 -5.78
C VAL A 502 -8.77 4.60 -5.07
N LYS A 503 -7.74 5.17 -5.68
CA LYS A 503 -7.04 6.30 -5.07
C LYS A 503 -7.90 7.57 -5.12
N ALA A 504 -8.62 7.77 -6.23
CA ALA A 504 -9.48 8.94 -6.37
C ALA A 504 -10.61 8.90 -5.34
N LYS A 505 -11.20 7.72 -5.18
CA LYS A 505 -12.29 7.52 -4.23
C LYS A 505 -11.82 7.83 -2.82
N ASP A 506 -10.65 7.33 -2.46
CA ASP A 506 -10.08 7.55 -1.14
C ASP A 506 -9.76 9.04 -0.93
N LEU A 507 -9.08 9.64 -1.90
CA LEU A 507 -8.74 11.05 -1.80
C LEU A 507 -10.00 11.88 -1.65
N ALA A 508 -11.04 11.52 -2.42
CA ALA A 508 -12.31 12.25 -2.38
C ALA A 508 -12.89 12.32 -0.97
N GLU A 509 -13.01 11.17 -0.32
CA GLU A 509 -13.57 11.17 1.03
C GLU A 509 -12.66 11.92 2.00
N ARG A 510 -11.35 11.87 1.78
CA ARG A 510 -10.43 12.59 2.64
C ARG A 510 -10.77 14.06 2.57
N PHE A 511 -11.10 14.51 1.37
CA PHE A 511 -11.48 15.91 1.21
C PHE A 511 -12.71 16.15 2.06
N GLN A 512 -13.72 15.30 1.86
CA GLN A 512 -14.99 15.40 2.58
C GLN A 512 -14.80 15.54 4.08
N LYS A 513 -14.05 14.60 4.65
CA LYS A 513 -13.79 14.65 6.08
C LYS A 513 -13.05 15.90 6.48
N ASN A 514 -12.03 16.26 5.69
CA ASN A 514 -11.25 17.44 6.01
C ASN A 514 -12.07 18.72 5.96
N PHE A 515 -12.98 18.81 4.98
CA PHE A 515 -13.79 20.00 4.84
C PHE A 515 -14.76 20.18 6.00
N LYS A 516 -14.99 19.12 6.75
CA LYS A 516 -15.89 19.20 7.89
C LYS A 516 -15.36 20.17 8.94
N LYS A 517 -14.04 20.31 9.03
CA LYS A 517 -13.48 21.21 10.02
C LYS A 517 -13.80 22.67 9.73
N PHE A 518 -14.42 22.93 8.58
CA PHE A 518 -14.79 24.30 8.24
C PHE A 518 -16.18 24.67 8.75
N SER B 2 2.33 -3.78 15.59
CA SER B 2 3.50 -4.57 16.07
C SER B 2 3.12 -6.04 16.26
N LEU B 3 3.31 -6.83 15.22
CA LEU B 3 2.99 -8.25 15.27
C LEU B 3 3.84 -8.94 16.33
N SER B 4 4.95 -8.30 16.70
CA SER B 4 5.83 -8.84 17.72
C SER B 4 5.05 -8.96 19.02
N GLU B 5 4.06 -8.08 19.17
CA GLU B 5 3.21 -8.06 20.35
C GLU B 5 2.05 -9.01 20.12
N SER B 6 1.62 -9.10 18.86
CA SER B 6 0.52 -10.00 18.51
C SER B 6 0.88 -11.43 18.88
N LEU B 7 2.17 -11.76 18.81
CA LEU B 7 2.62 -13.10 19.14
C LEU B 7 2.51 -13.37 20.63
N ALA B 8 2.74 -12.32 21.42
CA ALA B 8 2.66 -12.43 22.88
C ALA B 8 1.24 -12.90 23.24
N LYS B 9 0.26 -12.39 22.50
CA LYS B 9 -1.14 -12.75 22.71
C LYS B 9 -1.37 -14.21 22.31
N TYR B 10 -0.31 -14.88 21.84
CA TYR B 10 -0.37 -16.28 21.43
C TYR B 10 0.51 -17.09 22.37
N GLY B 11 1.28 -16.39 23.21
CA GLY B 11 2.17 -17.08 24.13
C GLY B 11 3.56 -17.16 23.57
N ILE B 12 3.84 -16.31 22.58
CA ILE B 12 5.17 -16.28 21.96
C ILE B 12 5.88 -15.00 22.38
N THR B 13 7.07 -15.14 22.97
CA THR B 13 7.86 -13.98 23.40
C THR B 13 9.35 -14.16 23.19
N GLY B 14 10.09 -13.06 23.31
CA GLY B 14 11.54 -13.09 23.15
C GLY B 14 12.04 -13.41 21.75
N ALA B 15 11.29 -13.01 20.73
CA ALA B 15 11.69 -13.28 19.35
C ALA B 15 12.98 -12.53 18.99
N THR B 16 14.00 -13.27 18.60
CA THR B 16 15.28 -12.65 18.23
C THR B 16 15.18 -11.90 16.90
N ASN B 17 14.22 -12.28 16.07
CA ASN B 17 14.01 -11.67 14.76
C ASN B 17 12.67 -12.13 14.22
N ILE B 18 12.03 -11.30 13.39
CA ILE B 18 10.75 -11.68 12.82
C ILE B 18 10.60 -11.23 11.38
N VAL B 19 10.45 -12.19 10.47
CA VAL B 19 10.28 -11.88 9.06
C VAL B 19 8.80 -12.03 8.72
N HIS B 20 8.17 -10.91 8.37
CA HIS B 20 6.76 -10.89 8.04
C HIS B 20 6.52 -11.08 6.55
N ASN B 21 5.80 -12.13 6.20
CA ASN B 21 5.50 -12.44 4.81
C ASN B 21 6.70 -12.33 3.88
N PRO B 22 7.68 -13.23 4.06
CA PRO B 22 8.90 -13.24 3.25
C PRO B 22 8.65 -13.48 1.77
N SER B 23 9.56 -12.99 0.94
CA SER B 23 9.45 -13.18 -0.50
C SER B 23 10.10 -14.51 -0.88
N HIS B 24 9.86 -14.95 -2.11
CA HIS B 24 10.45 -16.21 -2.56
C HIS B 24 11.97 -16.16 -2.51
N GLU B 25 12.56 -15.03 -2.89
CA GLU B 25 14.02 -14.90 -2.87
C GLU B 25 14.50 -15.08 -1.43
N GLU B 26 13.83 -14.42 -0.48
CA GLU B 26 14.20 -14.54 0.92
C GLU B 26 14.13 -16.00 1.35
N LEU B 27 13.01 -16.64 1.06
CA LEU B 27 12.81 -18.05 1.41
C LEU B 27 13.88 -18.96 0.81
N PHE B 28 14.25 -18.69 -0.43
CA PHE B 28 15.27 -19.51 -1.09
C PHE B 28 16.58 -19.42 -0.31
N ALA B 29 16.96 -18.21 0.07
CA ALA B 29 18.20 -17.97 0.81
C ALA B 29 18.22 -18.67 2.16
N ALA B 30 17.12 -18.53 2.90
CA ALA B 30 17.05 -19.15 4.22
C ALA B 30 17.02 -20.68 4.17
N GLU B 31 16.33 -21.25 3.18
CA GLU B 31 16.20 -22.70 3.04
C GLU B 31 17.49 -23.39 2.63
N THR B 32 18.27 -22.71 1.80
CA THR B 32 19.49 -23.28 1.31
C THR B 32 20.72 -23.01 2.17
N GLN B 33 20.53 -22.72 3.46
CA GLN B 33 21.70 -22.50 4.33
C GLN B 33 22.36 -23.86 4.58
N ALA B 34 23.66 -23.92 4.35
CA ALA B 34 24.42 -25.17 4.52
C ALA B 34 24.49 -25.70 5.94
N SER B 35 24.37 -24.81 6.93
CA SER B 35 24.44 -25.25 8.32
C SER B 35 23.13 -25.78 8.85
N LEU B 36 22.06 -25.66 8.05
CA LEU B 36 20.75 -26.14 8.48
C LEU B 36 20.83 -27.64 8.74
N GLU B 37 20.14 -28.09 9.78
CA GLU B 37 20.18 -29.49 10.13
C GLU B 37 18.82 -30.18 10.15
N GLY B 38 18.86 -31.51 10.23
CA GLY B 38 17.64 -32.30 10.29
C GLY B 38 16.62 -32.08 9.19
N PHE B 39 15.36 -32.00 9.58
CA PHE B 39 14.25 -31.83 8.65
C PHE B 39 14.16 -30.40 8.12
N GLU B 40 15.06 -29.54 8.60
CA GLU B 40 15.07 -28.15 8.17
C GLU B 40 15.91 -27.98 6.90
N LYS B 41 16.87 -28.89 6.72
CA LYS B 41 17.76 -28.87 5.56
C LYS B 41 17.01 -28.76 4.23
N GLY B 42 17.52 -27.90 3.36
CA GLY B 42 16.90 -27.73 2.05
C GLY B 42 17.95 -27.86 0.96
N THR B 43 17.75 -28.79 0.03
CA THR B 43 18.71 -29.02 -1.05
C THR B 43 18.19 -28.50 -2.38
N VAL B 44 19.03 -27.77 -3.10
CA VAL B 44 18.64 -27.25 -4.40
C VAL B 44 18.81 -28.35 -5.45
N THR B 45 17.74 -28.65 -6.19
CA THR B 45 17.82 -29.69 -7.21
C THR B 45 18.20 -29.14 -8.57
N GLU B 46 18.47 -30.05 -9.50
CA GLU B 46 18.85 -29.67 -10.86
C GLU B 46 17.71 -28.91 -11.55
N MET B 47 16.49 -29.09 -11.05
CA MET B 47 15.34 -28.42 -11.63
C MET B 47 15.15 -27.00 -11.14
N GLY B 48 15.99 -26.61 -10.19
CA GLY B 48 15.92 -25.28 -9.63
C GLY B 48 15.13 -25.22 -8.35
N ALA B 49 14.15 -26.10 -8.23
CA ALA B 49 13.33 -26.14 -7.04
C ALA B 49 14.09 -26.76 -5.88
N VAL B 50 13.73 -26.36 -4.67
CA VAL B 50 14.34 -26.86 -3.45
C VAL B 50 13.60 -28.09 -2.93
N ASN B 51 14.33 -29.04 -2.38
CA ASN B 51 13.70 -30.24 -1.83
C ASN B 51 14.02 -30.36 -0.35
N VAL B 52 13.03 -30.84 0.42
CA VAL B 52 13.21 -31.07 1.85
C VAL B 52 12.55 -32.40 2.20
N MET B 53 13.04 -33.02 3.27
CA MET B 53 12.52 -34.30 3.75
C MET B 53 11.78 -34.07 5.06
N THR B 54 10.82 -34.95 5.38
CA THR B 54 10.03 -34.82 6.60
C THR B 54 10.09 -36.06 7.51
N GLY B 55 11.14 -36.86 7.38
CA GLY B 55 11.27 -38.05 8.21
C GLY B 55 10.14 -39.06 8.03
N VAL B 56 9.66 -39.61 9.15
CA VAL B 56 8.59 -40.60 9.11
C VAL B 56 7.24 -39.97 8.80
N TYR B 57 7.16 -38.64 8.90
CA TYR B 57 5.91 -37.96 8.62
C TYR B 57 5.76 -37.73 7.13
N THR B 58 5.55 -38.83 6.41
CA THR B 58 5.40 -38.78 4.96
C THR B 58 3.92 -38.72 4.58
N GLY B 59 3.07 -38.51 5.58
CA GLY B 59 1.65 -38.42 5.34
C GLY B 59 0.92 -37.79 6.50
N ARG B 60 -0.40 -37.64 6.35
CA ARG B 60 -1.22 -37.06 7.38
C ARG B 60 -1.25 -37.94 8.63
N SER B 61 -1.53 -37.33 9.77
CA SER B 61 -1.62 -38.04 11.05
C SER B 61 -3.03 -37.89 11.61
N PRO B 62 -4.01 -38.57 11.00
CA PRO B 62 -5.40 -38.50 11.45
C PRO B 62 -5.62 -38.99 12.89
N LYS B 63 -4.79 -39.94 13.32
CA LYS B 63 -4.91 -40.47 14.67
C LYS B 63 -4.51 -39.44 15.73
N ASP B 64 -3.76 -38.41 15.33
CA ASP B 64 -3.31 -37.39 16.26
C ASP B 64 -4.06 -36.07 16.06
N LYS B 65 -5.20 -36.14 15.39
CA LYS B 65 -6.01 -34.95 15.14
C LYS B 65 -7.09 -34.83 16.20
N PHE B 66 -7.14 -33.68 16.87
CA PHE B 66 -8.12 -33.44 17.91
C PHE B 66 -8.74 -32.04 17.86
N ILE B 67 -9.93 -31.92 18.44
CA ILE B 67 -10.64 -30.65 18.50
C ILE B 67 -11.18 -30.44 19.91
N VAL B 68 -10.90 -29.28 20.48
CA VAL B 68 -11.35 -28.97 21.83
C VAL B 68 -12.87 -28.74 21.85
N LYS B 69 -13.55 -29.40 22.79
CA LYS B 69 -15.00 -29.28 22.89
C LYS B 69 -15.37 -27.94 23.54
N ASN B 70 -16.01 -27.06 22.76
CA ASN B 70 -16.40 -25.74 23.25
C ASN B 70 -17.76 -25.33 22.70
N GLU B 71 -18.28 -24.22 23.19
CA GLU B 71 -19.56 -23.73 22.71
C GLU B 71 -19.42 -23.33 21.24
N ALA B 72 -18.18 -23.09 20.84
CA ALA B 72 -17.87 -22.71 19.47
C ALA B 72 -17.85 -23.94 18.57
N SER B 73 -17.50 -25.08 19.15
CA SER B 73 -17.44 -26.33 18.41
C SER B 73 -18.60 -27.24 18.80
N LYS B 74 -19.71 -26.65 19.20
CA LYS B 74 -20.89 -27.41 19.60
C LYS B 74 -21.46 -28.23 18.46
N GLU B 75 -21.30 -27.75 17.23
CA GLU B 75 -21.82 -28.43 16.06
C GLU B 75 -20.81 -29.30 15.32
N ILE B 76 -19.70 -29.64 15.98
CA ILE B 76 -18.68 -30.47 15.37
C ILE B 76 -19.14 -31.92 15.27
N TRP B 77 -18.81 -32.59 14.16
CA TRP B 77 -19.20 -33.97 13.96
C TRP B 77 -18.24 -34.89 14.74
N TRP B 78 -18.41 -34.91 16.05
CA TRP B 78 -17.57 -35.72 16.92
C TRP B 78 -17.66 -37.22 16.62
N THR B 79 -16.55 -37.92 16.84
CA THR B 79 -16.50 -39.35 16.61
C THR B 79 -17.45 -40.06 17.58
N SER B 80 -17.77 -41.32 17.30
CA SER B 80 -18.65 -42.12 18.13
C SER B 80 -18.58 -43.57 17.68
N ASP B 81 -18.97 -44.50 18.55
CA ASP B 81 -18.94 -45.91 18.20
C ASP B 81 -19.88 -46.19 17.02
N GLU B 82 -20.87 -45.32 16.83
CA GLU B 82 -21.82 -45.48 15.74
C GLU B 82 -21.18 -45.14 14.39
N PHE B 83 -20.77 -43.89 14.26
CA PHE B 83 -20.13 -43.41 13.03
C PHE B 83 -18.87 -42.67 13.47
N LYS B 84 -17.78 -43.40 13.60
CA LYS B 84 -16.54 -42.80 14.04
C LYS B 84 -15.83 -42.03 12.94
N ASN B 85 -15.08 -41.01 13.35
CA ASN B 85 -14.31 -40.17 12.43
C ASN B 85 -13.03 -39.73 13.13
N ASP B 86 -12.39 -38.70 12.60
CA ASP B 86 -11.13 -38.21 13.17
C ASP B 86 -11.31 -37.04 14.15
N ASN B 87 -12.55 -36.62 14.31
CA ASN B 87 -12.91 -35.51 15.20
C ASN B 87 -12.96 -35.97 16.65
N LYS B 88 -11.78 -36.20 17.22
CA LYS B 88 -11.61 -36.64 18.60
C LYS B 88 -11.53 -35.44 19.55
N PRO B 89 -12.56 -35.25 20.39
CA PRO B 89 -12.60 -34.13 21.33
C PRO B 89 -11.49 -34.12 22.39
N VAL B 90 -11.16 -32.92 22.86
CA VAL B 90 -10.14 -32.73 23.89
C VAL B 90 -10.61 -31.59 24.77
N THR B 91 -10.21 -31.61 26.04
CA THR B 91 -10.64 -30.59 27.00
C THR B 91 -9.96 -29.22 26.87
N GLU B 92 -10.66 -28.17 27.27
CA GLU B 92 -10.14 -26.80 27.22
C GLU B 92 -8.90 -26.67 28.10
N GLU B 93 -8.80 -27.54 29.10
CA GLU B 93 -7.66 -27.52 30.00
C GLU B 93 -6.48 -28.20 29.31
N ALA B 94 -6.77 -29.09 28.36
CA ALA B 94 -5.71 -29.79 27.64
C ALA B 94 -5.12 -28.84 26.59
N TRP B 95 -5.99 -28.03 26.02
CA TRP B 95 -5.60 -27.04 25.00
C TRP B 95 -4.73 -25.97 25.63
N ALA B 96 -4.84 -25.81 26.94
CA ALA B 96 -4.05 -24.81 27.66
C ALA B 96 -2.62 -25.30 27.83
N GLN B 97 -2.46 -26.62 27.95
CA GLN B 97 -1.15 -27.20 28.11
C GLN B 97 -0.44 -27.38 26.77
N LEU B 98 -1.22 -27.52 25.71
CA LEU B 98 -0.65 -27.69 24.38
C LEU B 98 -0.30 -26.32 23.81
N LYS B 99 -1.15 -25.34 24.11
CA LYS B 99 -0.94 -23.98 23.64
C LYS B 99 0.36 -23.46 24.26
N ALA B 100 0.69 -23.97 25.43
CA ALA B 100 1.90 -23.56 26.13
C ALA B 100 3.11 -24.24 25.53
N LEU B 101 2.95 -25.50 25.16
CA LEU B 101 4.04 -26.27 24.57
C LEU B 101 4.52 -25.57 23.29
N ALA B 102 3.57 -25.13 22.46
CA ALA B 102 3.91 -24.47 21.21
C ALA B 102 4.55 -23.11 21.48
N GLY B 103 3.94 -22.34 22.39
CA GLY B 103 4.46 -21.03 22.72
C GLY B 103 5.92 -21.06 23.12
N LYS B 104 6.26 -21.95 24.06
CA LYS B 104 7.64 -22.08 24.52
C LYS B 104 8.58 -22.39 23.37
N GLU B 105 8.15 -23.34 22.53
CA GLU B 105 8.95 -23.75 21.38
C GLU B 105 9.26 -22.58 20.45
N LEU B 106 8.24 -21.78 20.15
CA LEU B 106 8.38 -20.64 19.26
C LEU B 106 8.83 -19.35 19.94
N SER B 107 9.30 -19.46 21.17
CA SER B 107 9.78 -18.30 21.92
C SER B 107 11.30 -18.24 21.94
N ASN B 108 11.83 -17.02 22.03
CA ASN B 108 13.28 -16.77 22.06
C ASN B 108 13.97 -17.37 20.83
N LYS B 109 13.34 -17.23 19.67
CA LYS B 109 13.89 -17.76 18.43
C LYS B 109 13.48 -16.85 17.27
N PRO B 110 14.19 -16.92 16.14
CA PRO B 110 13.84 -16.09 14.99
C PRO B 110 12.63 -16.77 14.34
N LEU B 111 11.61 -15.99 14.01
CA LEU B 111 10.40 -16.57 13.44
C LEU B 111 9.95 -15.95 12.12
N TYR B 112 9.05 -16.66 11.45
CA TYR B 112 8.47 -16.18 10.21
C TYR B 112 6.98 -16.09 10.47
N VAL B 113 6.35 -15.01 10.01
CA VAL B 113 4.92 -14.83 10.19
C VAL B 113 4.33 -14.51 8.81
N VAL B 114 3.46 -15.38 8.34
CA VAL B 114 2.86 -15.18 7.03
C VAL B 114 1.36 -15.02 7.08
N ASP B 115 0.86 -13.87 6.63
CA ASP B 115 -0.58 -13.64 6.61
C ASP B 115 -1.10 -14.00 5.24
N LEU B 116 -2.04 -14.94 5.21
CA LEU B 116 -2.59 -15.43 3.96
C LEU B 116 -4.11 -15.55 3.99
N PHE B 117 -4.67 -15.86 2.82
CA PHE B 117 -6.11 -16.02 2.70
C PHE B 117 -6.45 -17.45 2.25
N CYS B 118 -7.51 -17.99 2.83
CA CYS B 118 -8.01 -19.31 2.48
C CYS B 118 -9.39 -19.04 1.91
N GLY B 119 -9.48 -19.04 0.57
CA GLY B 119 -10.74 -18.79 -0.10
C GLY B 119 -10.59 -17.63 -1.08
N ALA B 120 -10.94 -17.86 -2.34
CA ALA B 120 -10.80 -16.84 -3.39
C ALA B 120 -11.81 -15.70 -3.29
N ASN B 121 -12.81 -15.87 -2.42
CA ASN B 121 -13.86 -14.87 -2.24
C ASN B 121 -13.80 -14.21 -0.86
N GLU B 122 -13.66 -12.87 -0.81
CA GLU B 122 -13.60 -12.12 0.44
C GLU B 122 -14.79 -12.35 1.36
N ASN B 123 -15.98 -12.43 0.76
CA ASN B 123 -17.21 -12.63 1.51
C ASN B 123 -17.18 -13.87 2.41
N THR B 124 -16.50 -14.92 1.97
CA THR B 124 -16.42 -16.14 2.77
C THR B 124 -14.98 -16.49 3.10
N ARG B 125 -14.07 -15.63 2.67
CA ARG B 125 -12.63 -15.80 2.89
C ARG B 125 -12.30 -15.92 4.38
N LEU B 126 -11.20 -16.59 4.67
CA LEU B 126 -10.78 -16.77 6.05
C LEU B 126 -9.33 -16.33 6.19
N LYS B 127 -9.11 -15.12 6.70
CA LYS B 127 -7.75 -14.60 6.87
C LYS B 127 -6.98 -15.44 7.87
N ILE B 128 -5.80 -15.91 7.47
CA ILE B 128 -4.98 -16.77 8.32
C ILE B 128 -3.58 -16.23 8.64
N ARG B 129 -3.10 -16.55 9.83
CA ARG B 129 -1.78 -16.12 10.23
C ARG B 129 -0.97 -17.33 10.70
N PHE B 130 0.11 -17.62 9.99
CA PHE B 130 0.98 -18.73 10.33
C PHE B 130 2.18 -18.23 11.10
N VAL B 131 2.68 -19.05 12.01
CA VAL B 131 3.84 -18.71 12.80
C VAL B 131 4.71 -19.96 12.85
N MET B 132 5.96 -19.80 12.44
CA MET B 132 6.89 -20.92 12.43
C MET B 132 8.32 -20.42 12.51
N GLU B 133 9.24 -21.33 12.86
CA GLU B 133 10.66 -21.02 12.96
C GLU B 133 11.46 -21.67 11.84
N VAL B 134 10.80 -22.46 10.99
CA VAL B 134 11.48 -23.12 9.88
C VAL B 134 11.13 -22.46 8.55
N ALA B 135 12.15 -22.00 7.85
CA ALA B 135 11.97 -21.31 6.59
C ALA B 135 11.09 -22.01 5.55
N TRP B 136 11.37 -23.27 5.22
CA TRP B 136 10.57 -23.91 4.21
C TRP B 136 9.11 -24.11 4.61
N GLN B 137 8.85 -24.06 5.91
CA GLN B 137 7.49 -24.18 6.40
C GLN B 137 6.75 -22.91 6.02
N ALA B 138 7.44 -21.77 6.12
CA ALA B 138 6.83 -20.50 5.75
C ALA B 138 6.63 -20.48 4.24
N HIS B 139 7.56 -21.10 3.53
CA HIS B 139 7.52 -21.18 2.07
C HIS B 139 6.31 -22.02 1.62
N PHE B 140 6.05 -23.13 2.32
CA PHE B 140 4.91 -23.99 1.98
C PHE B 140 3.56 -23.26 2.00
N VAL B 141 3.31 -22.50 3.07
CA VAL B 141 2.04 -21.78 3.18
C VAL B 141 1.97 -20.61 2.20
N THR B 142 3.14 -20.05 1.89
CA THR B 142 3.20 -18.95 0.94
C THR B 142 2.74 -19.45 -0.44
N ASN B 143 3.09 -20.69 -0.77
CA ASN B 143 2.69 -21.27 -2.06
C ASN B 143 1.25 -21.76 -2.09
N MET B 144 0.85 -22.47 -1.04
CA MET B 144 -0.47 -23.07 -0.99
C MET B 144 -1.68 -22.19 -0.70
N PHE B 145 -1.50 -21.10 0.03
CA PHE B 145 -2.60 -20.20 0.34
C PHE B 145 -2.60 -19.00 -0.59
N ILE B 146 -3.69 -18.24 -0.57
CA ILE B 146 -3.79 -17.07 -1.41
C ILE B 146 -2.99 -15.95 -0.76
N ARG B 147 -2.06 -15.39 -1.52
CA ARG B 147 -1.17 -14.34 -1.05
C ARG B 147 -1.73 -12.93 -1.14
N PRO B 148 -1.90 -12.26 0.02
CA PRO B 148 -2.43 -10.89 0.08
C PRO B 148 -1.50 -9.89 -0.60
N THR B 149 -2.07 -8.77 -1.01
CA THR B 149 -1.30 -7.72 -1.69
C THR B 149 -0.59 -6.85 -0.65
N GLU B 150 0.31 -5.98 -1.10
CA GLU B 150 1.05 -5.10 -0.21
C GLU B 150 0.11 -4.24 0.63
N GLU B 151 -1.04 -3.90 0.07
CA GLU B 151 -2.02 -3.07 0.78
C GLU B 151 -2.90 -3.90 1.71
N GLU B 152 -3.27 -5.10 1.29
CA GLU B 152 -4.12 -5.97 2.10
C GLU B 152 -3.40 -6.44 3.37
N LEU B 153 -2.10 -6.23 3.42
CA LEU B 153 -1.33 -6.63 4.59
C LEU B 153 -1.15 -5.45 5.55
N LYS B 154 -1.78 -4.33 5.21
CA LYS B 154 -1.70 -3.13 6.04
C LYS B 154 -2.05 -3.42 7.50
N GLY B 155 -3.32 -3.69 7.77
CA GLY B 155 -3.74 -4.00 9.13
C GLY B 155 -4.38 -5.37 9.17
N PHE B 156 -3.71 -6.34 8.56
CA PHE B 156 -4.19 -7.71 8.50
C PHE B 156 -4.66 -8.21 9.87
N GLU B 157 -5.92 -8.66 9.92
CA GLU B 157 -6.51 -9.19 11.13
C GLU B 157 -6.65 -10.70 11.00
N PRO B 158 -5.84 -11.47 11.74
CA PRO B 158 -5.85 -12.94 11.71
C PRO B 158 -7.16 -13.57 12.15
N ASP B 159 -7.97 -14.02 11.20
CA ASP B 159 -9.22 -14.67 11.54
C ASP B 159 -8.90 -15.95 12.29
N PHE B 160 -7.82 -16.60 11.87
CA PHE B 160 -7.37 -17.85 12.46
C PHE B 160 -5.83 -17.82 12.55
N VAL B 161 -5.30 -18.39 13.61
CA VAL B 161 -3.86 -18.44 13.79
C VAL B 161 -3.38 -19.88 13.80
N VAL B 162 -2.27 -20.15 13.13
CA VAL B 162 -1.70 -21.49 13.05
C VAL B 162 -0.26 -21.47 13.56
N LEU B 163 0.00 -22.22 14.62
CA LEU B 163 1.35 -22.28 15.19
C LEU B 163 2.00 -23.61 14.84
N ASN B 164 3.09 -23.55 14.09
CA ASN B 164 3.77 -24.77 13.71
C ASN B 164 4.97 -24.95 14.64
N ALA B 165 4.87 -25.95 15.51
CA ALA B 165 5.95 -26.26 16.46
C ALA B 165 6.36 -27.71 16.24
N SER B 166 6.68 -28.03 14.98
CA SER B 166 7.08 -29.38 14.63
C SER B 166 8.28 -29.86 15.46
N LYS B 167 9.02 -28.92 16.03
CA LYS B 167 10.19 -29.26 16.85
C LYS B 167 9.80 -29.79 18.24
N ALA B 168 8.66 -29.33 18.74
CA ALA B 168 8.18 -29.76 20.06
C ALA B 168 7.37 -31.05 19.96
N LYS B 169 7.51 -31.90 20.97
CA LYS B 169 6.79 -33.18 21.03
C LYS B 169 6.07 -33.28 22.37
N VAL B 170 4.99 -34.05 22.41
CA VAL B 170 4.23 -34.23 23.64
C VAL B 170 4.52 -35.58 24.28
N GLU B 171 5.48 -35.61 25.20
CA GLU B 171 5.85 -36.84 25.89
C GLU B 171 4.80 -37.12 26.95
N ASN B 172 3.98 -36.12 27.23
CA ASN B 172 2.93 -36.21 28.23
C ASN B 172 1.59 -36.52 27.57
N PHE B 173 1.64 -36.94 26.31
CA PHE B 173 0.43 -37.24 25.54
C PHE B 173 -0.48 -38.29 26.18
N LYS B 174 0.12 -39.34 26.71
CA LYS B 174 -0.64 -40.42 27.31
C LYS B 174 -1.55 -39.92 28.44
N GLU B 175 -0.95 -39.25 29.41
CA GLU B 175 -1.69 -38.73 30.55
C GLU B 175 -2.49 -37.47 30.21
N LEU B 176 -2.47 -37.08 28.94
CA LEU B 176 -3.19 -35.89 28.48
C LEU B 176 -4.40 -36.27 27.62
N GLY B 177 -4.46 -37.53 27.20
CA GLY B 177 -5.57 -37.98 26.37
C GLY B 177 -5.27 -37.83 24.89
N LEU B 178 -4.10 -38.31 24.47
CA LEU B 178 -3.70 -38.24 23.08
C LEU B 178 -3.23 -39.62 22.64
N ASN B 179 -3.17 -39.84 21.33
CA ASN B 179 -2.74 -41.12 20.80
C ASN B 179 -1.22 -41.27 20.74
N SER B 180 -0.50 -40.17 20.56
CA SER B 180 0.96 -40.23 20.52
C SER B 180 1.58 -38.87 20.77
N GLU B 181 2.90 -38.82 20.74
CA GLU B 181 3.62 -37.58 20.96
C GLU B 181 3.27 -36.55 19.90
N THR B 182 2.84 -37.01 18.73
CA THR B 182 2.45 -36.12 17.64
C THR B 182 1.06 -35.57 17.95
N ALA B 183 0.80 -34.31 17.60
CA ALA B 183 -0.51 -33.72 17.84
C ALA B 183 -0.85 -32.55 16.93
N VAL B 184 -2.12 -32.51 16.50
CA VAL B 184 -2.65 -31.44 15.65
C VAL B 184 -4.02 -31.12 16.23
N VAL B 185 -4.09 -30.08 17.07
CA VAL B 185 -5.34 -29.70 17.71
C VAL B 185 -5.89 -28.37 17.24
N PHE B 186 -7.22 -28.28 17.20
CA PHE B 186 -7.91 -27.08 16.79
C PHE B 186 -8.80 -26.58 17.93
N ASN B 187 -9.03 -25.28 17.96
CA ASN B 187 -9.88 -24.63 18.96
C ASN B 187 -10.73 -23.59 18.24
N LEU B 188 -12.01 -23.88 18.06
CA LEU B 188 -12.91 -22.98 17.37
C LEU B 188 -13.30 -21.74 18.18
N ALA B 189 -12.90 -21.72 19.45
CA ALA B 189 -13.21 -20.59 20.32
C ALA B 189 -12.14 -19.52 20.12
N GLU B 190 -10.89 -19.91 20.36
CA GLU B 190 -9.76 -19.02 20.19
C GLU B 190 -9.38 -18.94 18.71
N LYS B 191 -9.91 -19.86 17.92
CA LYS B 191 -9.61 -19.92 16.48
C LYS B 191 -8.12 -20.09 16.26
N MET B 192 -7.60 -21.23 16.68
CA MET B 192 -6.19 -21.51 16.53
C MET B 192 -5.90 -22.98 16.26
N GLN B 193 -4.86 -23.23 15.47
CA GLN B 193 -4.46 -24.60 15.16
C GLN B 193 -3.02 -24.75 15.65
N ILE B 194 -2.72 -25.87 16.29
CA ILE B 194 -1.39 -26.11 16.79
C ILE B 194 -0.83 -27.43 16.24
N ILE B 195 0.30 -27.35 15.55
CA ILE B 195 0.91 -28.54 14.99
C ILE B 195 2.12 -28.92 15.83
N LEU B 196 2.08 -30.10 16.43
CA LEU B 196 3.19 -30.56 17.27
C LEU B 196 3.74 -31.91 16.83
N ASN B 197 5.04 -31.95 16.64
CA ASN B 197 5.75 -33.17 16.27
C ASN B 197 5.33 -33.85 14.97
N THR B 198 5.21 -33.06 13.92
CA THR B 198 4.91 -33.60 12.60
C THR B 198 5.37 -32.62 11.56
N TRP B 199 6.21 -33.10 10.65
CA TRP B 199 6.74 -32.25 9.59
C TRP B 199 6.02 -32.32 8.26
N TYR B 200 5.00 -33.18 8.13
CA TYR B 200 4.27 -33.27 6.85
C TYR B 200 3.65 -31.93 6.48
N GLY B 201 4.07 -31.40 5.32
CA GLY B 201 3.57 -30.11 4.87
C GLY B 201 2.05 -30.02 4.84
N GLY B 202 1.42 -31.11 4.39
CA GLY B 202 -0.03 -31.17 4.28
C GLY B 202 -0.79 -30.70 5.51
N GLU B 203 -0.26 -30.97 6.70
CA GLU B 203 -0.93 -30.55 7.92
C GLU B 203 -1.18 -29.04 7.95
N MET B 204 -0.34 -28.27 7.25
CA MET B 204 -0.51 -26.81 7.22
C MET B 204 -1.61 -26.32 6.30
N LYS B 205 -2.13 -27.18 5.44
CA LYS B 205 -3.20 -26.76 4.53
C LYS B 205 -4.52 -27.47 4.83
N LYS B 206 -4.44 -28.73 5.26
CA LYS B 206 -5.65 -29.51 5.57
C LYS B 206 -6.37 -29.06 6.84
N GLY B 207 -5.65 -28.35 7.71
CA GLY B 207 -6.27 -27.86 8.93
C GLY B 207 -7.27 -26.77 8.62
N MET B 208 -6.86 -25.76 7.88
CA MET B 208 -7.78 -24.68 7.54
C MET B 208 -8.85 -25.22 6.61
N PHE B 209 -8.47 -26.17 5.77
CA PHE B 209 -9.44 -26.77 4.87
C PHE B 209 -10.58 -27.33 5.75
N SER B 210 -10.23 -27.99 6.85
CA SER B 210 -11.21 -28.55 7.76
C SER B 210 -12.08 -27.47 8.40
N MET B 211 -11.53 -26.27 8.55
CA MET B 211 -12.28 -25.18 9.16
C MET B 211 -13.28 -24.61 8.15
N MET B 212 -12.85 -24.55 6.90
CA MET B 212 -13.68 -24.06 5.81
C MET B 212 -14.83 -25.04 5.60
N ASN B 213 -14.59 -26.31 5.91
CA ASN B 213 -15.61 -27.34 5.76
C ASN B 213 -16.65 -27.23 6.87
N PHE B 214 -16.37 -26.36 7.84
CA PHE B 214 -17.29 -26.15 8.96
C PHE B 214 -18.13 -24.91 8.78
N TYR B 215 -17.48 -23.80 8.45
CA TYR B 215 -18.16 -22.52 8.29
C TYR B 215 -18.99 -22.37 7.03
N LEU B 216 -18.42 -22.74 5.88
CA LEU B 216 -19.13 -22.59 4.61
C LEU B 216 -20.42 -23.38 4.50
N PRO B 217 -20.42 -24.68 4.85
CA PRO B 217 -21.64 -25.47 4.77
C PRO B 217 -22.77 -24.89 5.62
N LEU B 218 -22.39 -24.28 6.73
CA LEU B 218 -23.38 -23.67 7.61
C LEU B 218 -23.94 -22.40 7.00
N GLN B 219 -23.46 -22.08 5.80
CA GLN B 219 -23.90 -20.89 5.08
C GLN B 219 -24.50 -21.30 3.74
N GLY B 220 -24.81 -22.58 3.59
CA GLY B 220 -25.39 -23.07 2.36
C GLY B 220 -24.36 -23.10 1.25
N ILE B 221 -23.08 -23.13 1.63
CA ILE B 221 -22.02 -23.18 0.64
C ILE B 221 -21.29 -24.51 0.77
N ALA B 222 -21.15 -25.21 -0.36
CA ALA B 222 -20.49 -26.50 -0.36
C ALA B 222 -18.97 -26.39 -0.22
N ALA B 223 -18.42 -27.16 0.71
CA ALA B 223 -16.98 -27.21 0.95
C ALA B 223 -16.65 -28.60 0.41
N MET B 224 -15.83 -28.65 -0.63
CA MET B 224 -15.53 -29.93 -1.28
C MET B 224 -14.07 -30.34 -1.42
N HIS B 225 -13.81 -31.64 -1.31
CA HIS B 225 -12.46 -32.17 -1.50
C HIS B 225 -12.46 -32.59 -2.97
N CYS B 226 -12.12 -31.67 -3.85
CA CYS B 226 -12.14 -31.94 -5.28
C CYS B 226 -11.24 -31.03 -6.06
N SER B 227 -11.01 -31.40 -7.31
CA SER B 227 -10.24 -30.58 -8.24
C SER B 227 -11.33 -29.97 -9.13
N ALA B 228 -10.97 -28.95 -9.91
CA ALA B 228 -11.94 -28.28 -10.76
C ALA B 228 -11.29 -27.53 -11.92
N ASN B 229 -11.93 -27.57 -13.08
CA ASN B 229 -11.43 -26.85 -14.25
C ASN B 229 -12.57 -26.44 -15.17
N THR B 230 -12.25 -25.67 -16.21
CA THR B 230 -13.26 -25.20 -17.15
C THR B 230 -12.69 -25.40 -18.54
N ASP B 231 -13.49 -25.10 -19.56
CA ASP B 231 -13.02 -25.21 -20.93
C ASP B 231 -12.09 -24.03 -21.19
N LEU B 232 -11.56 -23.94 -22.40
CA LEU B 232 -10.63 -22.87 -22.73
C LEU B 232 -11.29 -21.48 -22.73
N GLU B 233 -12.61 -21.46 -22.62
CA GLU B 233 -13.38 -20.21 -22.59
C GLU B 233 -13.67 -19.77 -21.16
N GLY B 234 -13.49 -20.68 -20.21
CA GLY B 234 -13.77 -20.35 -18.82
C GLY B 234 -15.14 -20.83 -18.37
N LYS B 235 -15.84 -21.54 -19.25
CA LYS B 235 -17.17 -22.08 -18.93
C LYS B 235 -17.16 -23.59 -18.79
N ASN B 236 -18.36 -24.16 -18.70
CA ASN B 236 -18.54 -25.60 -18.55
C ASN B 236 -17.65 -26.17 -17.45
N THR B 237 -17.79 -25.62 -16.26
CA THR B 237 -17.01 -26.04 -15.11
C THR B 237 -17.25 -27.51 -14.75
N ALA B 238 -16.19 -28.19 -14.32
CA ALA B 238 -16.29 -29.58 -13.94
C ALA B 238 -15.50 -29.78 -12.65
N ILE B 239 -16.05 -30.58 -11.74
CA ILE B 239 -15.37 -30.85 -10.48
C ILE B 239 -15.16 -32.35 -10.32
N PHE B 240 -14.03 -32.70 -9.71
CA PHE B 240 -13.64 -34.09 -9.52
C PHE B 240 -13.40 -34.44 -8.06
N PHE B 241 -14.33 -35.19 -7.47
CA PHE B 241 -14.24 -35.63 -6.08
C PHE B 241 -13.35 -36.87 -6.03
N GLY B 242 -12.67 -37.05 -4.91
CA GLY B 242 -11.81 -38.21 -4.78
C GLY B 242 -10.98 -38.15 -3.53
N LEU B 243 -10.80 -39.30 -2.89
CA LEU B 243 -10.00 -39.33 -1.67
C LEU B 243 -8.56 -39.01 -2.07
N SER B 244 -7.70 -38.86 -1.06
CA SER B 244 -6.29 -38.56 -1.24
C SER B 244 -5.61 -39.56 -2.21
N GLY B 245 -4.83 -39.06 -3.16
CA GLY B 245 -4.14 -39.94 -4.10
C GLY B 245 -4.93 -40.75 -5.12
N THR B 246 -6.19 -40.40 -5.37
CA THR B 246 -6.98 -41.17 -6.33
C THR B 246 -7.18 -40.60 -7.73
N GLY B 247 -6.63 -39.42 -8.02
CA GLY B 247 -6.75 -38.89 -9.37
C GLY B 247 -7.19 -37.46 -9.60
N LYS B 248 -7.51 -36.73 -8.54
CA LYS B 248 -7.99 -35.36 -8.72
C LYS B 248 -7.01 -34.45 -9.45
N THR B 249 -5.78 -34.38 -8.96
CA THR B 249 -4.80 -33.54 -9.59
C THR B 249 -4.46 -34.05 -10.99
N THR B 250 -4.23 -35.35 -11.11
CA THR B 250 -3.91 -35.95 -12.41
C THR B 250 -4.97 -35.69 -13.48
N LEU B 251 -6.22 -36.02 -13.17
CA LEU B 251 -7.30 -35.84 -14.16
C LEU B 251 -7.74 -34.40 -14.41
N SER B 252 -7.55 -33.51 -13.44
CA SER B 252 -7.95 -32.12 -13.64
C SER B 252 -6.90 -31.42 -14.51
N THR B 253 -5.73 -32.03 -14.62
CA THR B 253 -4.67 -31.48 -15.44
C THR B 253 -4.95 -31.88 -16.87
N ASP B 254 -5.48 -30.95 -17.65
CA ASP B 254 -5.84 -31.25 -19.02
C ASP B 254 -5.49 -30.07 -19.90
N PRO B 255 -4.69 -30.31 -20.95
CA PRO B 255 -4.26 -29.26 -21.87
C PRO B 255 -5.47 -28.59 -22.54
N LYS B 256 -6.58 -29.32 -22.57
CA LYS B 256 -7.81 -28.84 -23.18
C LYS B 256 -8.66 -28.04 -22.20
N ARG B 257 -8.15 -27.85 -20.98
CA ARG B 257 -8.90 -27.11 -19.98
C ARG B 257 -8.08 -26.16 -19.14
N LEU B 258 -8.77 -25.23 -18.48
CA LEU B 258 -8.16 -24.23 -17.63
C LEU B 258 -8.40 -24.65 -16.18
N LEU B 259 -7.32 -24.67 -15.41
CA LEU B 259 -7.38 -25.09 -14.02
C LEU B 259 -7.90 -24.03 -13.06
N ILE B 260 -8.87 -24.44 -12.25
CA ILE B 260 -9.47 -23.57 -11.24
C ILE B 260 -8.68 -23.81 -9.96
N GLY B 261 -8.51 -25.10 -9.63
CA GLY B 261 -7.79 -25.50 -8.43
C GLY B 261 -7.74 -27.02 -8.45
N ASP B 262 -6.90 -27.64 -7.63
CA ASP B 262 -6.81 -29.10 -7.65
C ASP B 262 -7.20 -29.89 -6.41
N ASP B 263 -7.54 -29.23 -5.31
CA ASP B 263 -7.83 -29.96 -4.09
C ASP B 263 -8.96 -29.48 -3.17
N GLU B 264 -9.11 -28.17 -3.03
CA GLU B 264 -10.13 -27.63 -2.13
C GLU B 264 -10.95 -26.53 -2.80
N HIS B 265 -12.26 -26.78 -2.95
CA HIS B 265 -13.14 -25.80 -3.58
C HIS B 265 -14.48 -25.61 -2.85
N GLY B 266 -15.11 -24.49 -3.13
CA GLY B 266 -16.41 -24.20 -2.55
C GLY B 266 -17.39 -24.01 -3.68
N TRP B 267 -18.67 -24.05 -3.36
CA TRP B 267 -19.69 -23.87 -4.39
C TRP B 267 -20.82 -23.06 -3.76
N ASP B 268 -20.82 -21.75 -4.01
CA ASP B 268 -21.87 -20.88 -3.47
C ASP B 268 -22.88 -20.50 -4.55
N ASP B 269 -23.63 -19.43 -4.31
CA ASP B 269 -24.65 -18.97 -5.26
C ASP B 269 -24.00 -18.51 -6.57
N ASP B 270 -22.79 -17.97 -6.47
CA ASP B 270 -22.09 -17.47 -7.64
C ASP B 270 -21.44 -18.56 -8.49
N GLY B 271 -20.78 -19.51 -7.84
CA GLY B 271 -20.13 -20.57 -8.58
C GLY B 271 -19.10 -21.34 -7.78
N VAL B 272 -18.24 -22.05 -8.49
CA VAL B 272 -17.18 -22.86 -7.87
C VAL B 272 -15.91 -22.03 -7.71
N PHE B 273 -15.35 -22.04 -6.50
CA PHE B 273 -14.13 -21.29 -6.23
C PHE B 273 -13.12 -22.10 -5.43
N ASN B 274 -11.85 -21.82 -5.67
CA ASN B 274 -10.73 -22.51 -5.03
C ASN B 274 -10.43 -21.87 -3.67
N PHE B 275 -10.01 -22.68 -2.70
CA PHE B 275 -9.66 -22.16 -1.38
C PHE B 275 -8.19 -21.79 -1.36
N GLU B 276 -7.40 -22.47 -2.20
CA GLU B 276 -5.96 -22.25 -2.20
C GLU B 276 -5.38 -21.35 -3.28
N GLY B 277 -4.07 -21.13 -3.18
CA GLY B 277 -3.38 -20.30 -4.14
C GLY B 277 -2.22 -21.08 -4.75
N GLY B 278 -2.30 -22.40 -4.67
CA GLY B 278 -1.24 -23.25 -5.21
C GLY B 278 -1.66 -24.71 -5.27
N CYS B 279 -0.74 -25.57 -5.69
CA CYS B 279 -1.04 -26.99 -5.80
C CYS B 279 -0.02 -27.83 -5.04
N TYR B 280 -0.53 -28.82 -4.31
CA TYR B 280 0.31 -29.72 -3.52
C TYR B 280 0.14 -31.07 -4.21
N ALA B 281 0.74 -31.21 -5.38
CA ALA B 281 0.61 -32.41 -6.17
C ALA B 281 1.58 -33.54 -5.87
N LYS B 282 1.12 -34.77 -6.13
CA LYS B 282 1.98 -35.94 -5.94
C LYS B 282 2.93 -35.93 -7.14
N VAL B 283 4.17 -36.41 -6.94
CA VAL B 283 5.14 -36.45 -8.03
C VAL B 283 5.76 -37.83 -8.27
N ILE B 284 5.28 -38.86 -7.58
CA ILE B 284 5.84 -40.19 -7.77
C ILE B 284 5.67 -40.60 -9.25
N ASN B 285 6.74 -41.16 -9.81
CA ASN B 285 6.74 -41.61 -11.20
C ASN B 285 6.47 -40.50 -12.22
N LEU B 286 6.73 -39.26 -11.80
CA LEU B 286 6.52 -38.09 -12.66
C LEU B 286 7.56 -38.00 -13.79
N SER B 287 7.09 -37.63 -14.97
CA SER B 287 7.97 -37.47 -16.11
C SER B 287 7.50 -36.25 -16.89
N LYS B 288 8.42 -35.61 -17.60
CA LYS B 288 8.06 -34.43 -18.38
C LYS B 288 7.08 -34.75 -19.49
N GLU B 289 7.18 -35.96 -20.04
CA GLU B 289 6.31 -36.37 -21.12
C GLU B 289 4.88 -36.65 -20.63
N ASN B 290 4.74 -37.25 -19.44
CA ASN B 290 3.41 -37.54 -18.92
C ASN B 290 2.74 -36.36 -18.22
N GLU B 291 3.51 -35.55 -17.51
CA GLU B 291 2.97 -34.39 -16.80
C GLU B 291 3.75 -33.12 -17.09
N PRO B 292 3.62 -32.57 -18.31
CA PRO B 292 4.32 -31.35 -18.74
C PRO B 292 4.08 -30.17 -17.82
N ASP B 293 2.80 -29.87 -17.57
CA ASP B 293 2.40 -28.76 -16.72
C ASP B 293 3.05 -28.85 -15.34
N ILE B 294 2.89 -30.00 -14.68
CA ILE B 294 3.46 -30.19 -13.35
C ILE B 294 4.97 -30.08 -13.41
N TRP B 295 5.59 -30.85 -14.33
CA TRP B 295 7.05 -30.83 -14.48
C TRP B 295 7.51 -29.39 -14.74
N GLY B 296 6.77 -28.66 -15.56
CA GLY B 296 7.12 -27.28 -15.85
C GLY B 296 6.93 -26.35 -14.67
N ALA B 297 6.13 -26.80 -13.70
CA ALA B 297 5.88 -26.01 -12.50
C ALA B 297 6.98 -26.24 -11.49
N ILE B 298 7.70 -27.35 -11.63
CA ILE B 298 8.78 -27.64 -10.71
C ILE B 298 10.02 -26.83 -11.12
N LYS B 299 10.17 -25.69 -10.48
CA LYS B 299 11.27 -24.78 -10.75
C LYS B 299 11.50 -23.97 -9.47
N ARG B 300 12.36 -22.96 -9.56
CA ARG B 300 12.65 -22.09 -8.43
C ARG B 300 11.36 -21.53 -7.84
N ASN B 301 11.21 -21.64 -6.52
CA ASN B 301 10.04 -21.17 -5.78
C ASN B 301 9.06 -22.30 -5.52
N ALA B 302 9.24 -23.41 -6.21
CA ALA B 302 8.40 -24.57 -5.95
C ALA B 302 9.14 -25.29 -4.83
N LEU B 303 8.43 -26.07 -4.03
CA LEU B 303 9.06 -26.80 -2.94
C LEU B 303 8.84 -28.31 -3.02
N LEU B 304 9.90 -29.05 -3.31
CA LEU B 304 9.80 -30.50 -3.40
C LEU B 304 9.79 -31.08 -1.99
N GLU B 305 9.06 -32.17 -1.80
CA GLU B 305 8.95 -32.81 -0.49
C GLU B 305 9.15 -34.32 -0.49
N ASN B 306 10.25 -34.76 0.12
CA ASN B 306 10.57 -36.19 0.23
C ASN B 306 10.99 -36.84 -1.08
N VAL B 307 11.31 -36.02 -2.07
CA VAL B 307 11.75 -36.54 -3.35
C VAL B 307 13.21 -36.97 -3.27
N THR B 308 13.58 -37.97 -4.04
CA THR B 308 14.95 -38.46 -4.03
C THR B 308 15.87 -37.57 -4.87
N VAL B 309 16.91 -37.04 -4.24
CA VAL B 309 17.86 -36.16 -4.91
C VAL B 309 19.29 -36.60 -4.57
N ASP B 310 20.16 -36.71 -5.56
CA ASP B 310 21.54 -37.11 -5.27
C ASP B 310 22.45 -35.90 -5.02
N ALA B 311 23.75 -36.17 -4.90
CA ALA B 311 24.74 -35.13 -4.64
C ALA B 311 24.71 -34.00 -5.66
N ASN B 312 24.72 -34.34 -6.94
CA ASN B 312 24.69 -33.33 -8.00
C ASN B 312 23.32 -32.66 -8.07
N GLY B 313 22.41 -33.09 -7.21
CA GLY B 313 21.08 -32.51 -7.20
C GLY B 313 20.12 -33.15 -8.19
N LYS B 314 20.55 -34.23 -8.84
CA LYS B 314 19.70 -34.92 -9.81
C LYS B 314 18.55 -35.57 -9.05
N VAL B 315 17.36 -35.47 -9.62
CA VAL B 315 16.16 -36.02 -9.01
C VAL B 315 15.71 -37.35 -9.59
N ASP B 316 15.17 -38.22 -8.73
CA ASP B 316 14.64 -39.51 -9.16
C ASP B 316 13.19 -39.57 -8.68
N PHE B 317 12.27 -39.07 -9.50
CA PHE B 317 10.84 -39.04 -9.18
C PHE B 317 10.18 -40.40 -9.08
N ALA B 318 10.80 -41.41 -9.68
CA ALA B 318 10.24 -42.75 -9.68
C ALA B 318 10.59 -43.51 -8.41
N ASP B 319 11.51 -42.97 -7.62
CA ASP B 319 11.92 -43.63 -6.39
C ASP B 319 10.88 -43.47 -5.27
N LYS B 320 10.40 -44.59 -4.76
CA LYS B 320 9.42 -44.58 -3.69
C LYS B 320 9.94 -45.34 -2.46
N SER B 321 11.23 -45.68 -2.48
CA SER B 321 11.83 -46.42 -1.36
C SER B 321 11.62 -45.71 -0.02
N VAL B 322 11.48 -44.39 -0.07
CA VAL B 322 11.25 -43.60 1.14
C VAL B 322 9.73 -43.49 1.35
N THR B 323 9.01 -43.20 0.27
CA THR B 323 7.56 -43.07 0.34
C THR B 323 6.99 -42.85 -1.06
N GLU B 324 5.79 -43.36 -1.27
CA GLU B 324 5.13 -43.19 -2.55
C GLU B 324 4.43 -41.84 -2.56
N ASN B 325 4.27 -41.25 -1.38
CA ASN B 325 3.60 -39.96 -1.24
C ASN B 325 4.52 -38.75 -1.41
N THR B 326 5.43 -38.82 -2.38
CA THR B 326 6.33 -37.71 -2.67
C THR B 326 5.45 -36.55 -3.15
N ARG B 327 5.85 -35.33 -2.81
CA ARG B 327 5.06 -34.14 -3.15
C ARG B 327 5.85 -32.93 -3.63
N VAL B 328 5.11 -31.95 -4.12
CA VAL B 328 5.65 -30.69 -4.57
C VAL B 328 4.59 -29.60 -4.39
N SER B 329 4.99 -28.45 -3.84
CA SER B 329 4.03 -27.36 -3.71
C SER B 329 4.54 -26.23 -4.57
N TYR B 330 3.62 -25.52 -5.21
CA TYR B 330 4.00 -24.39 -6.04
C TYR B 330 2.80 -23.47 -6.19
N PRO B 331 3.05 -22.19 -6.45
CA PRO B 331 1.98 -21.21 -6.62
C PRO B 331 1.20 -21.62 -7.86
N ILE B 332 -0.10 -21.37 -7.84
CA ILE B 332 -0.95 -21.73 -8.96
C ILE B 332 -0.47 -21.15 -10.30
N PHE B 333 0.11 -19.95 -10.28
CA PHE B 333 0.57 -19.34 -11.52
C PHE B 333 1.79 -20.02 -12.16
N HIS B 334 2.23 -21.13 -11.58
CA HIS B 334 3.35 -21.88 -12.17
C HIS B 334 2.75 -22.73 -13.28
N ILE B 335 1.42 -22.76 -13.31
CA ILE B 335 0.68 -23.50 -14.32
C ILE B 335 0.09 -22.47 -15.28
N LYS B 336 0.48 -22.55 -16.54
CA LYS B 336 0.01 -21.59 -17.55
C LYS B 336 -1.50 -21.62 -17.78
N ASN B 337 -2.03 -22.80 -18.06
CA ASN B 337 -3.44 -22.98 -18.34
C ASN B 337 -4.33 -22.95 -17.10
N ILE B 338 -4.44 -21.77 -16.49
CA ILE B 338 -5.26 -21.60 -15.29
C ILE B 338 -6.26 -20.46 -15.43
N VAL B 339 -7.33 -20.54 -14.64
CA VAL B 339 -8.35 -19.51 -14.64
C VAL B 339 -7.80 -18.30 -13.92
N LYS B 340 -7.90 -17.13 -14.54
CA LYS B 340 -7.41 -15.89 -13.94
C LYS B 340 -8.41 -14.75 -14.18
N PRO B 341 -8.27 -13.63 -13.45
CA PRO B 341 -7.25 -13.35 -12.42
C PRO B 341 -7.61 -13.94 -11.07
N VAL B 342 -8.79 -14.54 -10.95
CA VAL B 342 -9.21 -15.14 -9.69
C VAL B 342 -9.64 -16.59 -9.92
N SER B 343 -9.14 -17.49 -9.07
CA SER B 343 -9.45 -18.92 -9.18
C SER B 343 -10.90 -19.28 -8.80
N LYS B 344 -11.82 -19.01 -9.72
CA LYS B 344 -13.24 -19.31 -9.50
C LYS B 344 -13.96 -19.28 -10.84
N ALA B 345 -15.08 -20.00 -10.94
CA ALA B 345 -15.81 -20.05 -12.20
C ALA B 345 -17.26 -20.42 -11.94
N PRO B 346 -18.11 -20.43 -12.99
CA PRO B 346 -19.52 -20.79 -12.83
C PRO B 346 -19.80 -22.17 -12.24
N ALA B 347 -21.07 -22.42 -11.93
CA ALA B 347 -21.48 -23.71 -11.35
C ALA B 347 -21.00 -24.87 -12.20
N ALA B 348 -20.83 -26.02 -11.56
CA ALA B 348 -20.37 -27.22 -12.23
C ALA B 348 -21.49 -27.87 -13.04
N LYS B 349 -21.18 -28.24 -14.28
CA LYS B 349 -22.13 -28.87 -15.18
C LYS B 349 -21.89 -30.38 -15.18
N ARG B 350 -20.68 -30.78 -14.82
CA ARG B 350 -20.29 -32.18 -14.76
C ARG B 350 -19.64 -32.47 -13.41
N VAL B 351 -20.15 -33.48 -12.70
CA VAL B 351 -19.60 -33.84 -11.41
C VAL B 351 -19.08 -35.27 -11.47
N ILE B 352 -17.78 -35.45 -11.27
CA ILE B 352 -17.18 -36.78 -11.35
C ILE B 352 -16.73 -37.31 -9.98
N PHE B 353 -17.15 -38.52 -9.65
CA PHE B 353 -16.74 -39.13 -8.39
C PHE B 353 -15.65 -40.15 -8.70
N LEU B 354 -14.43 -39.89 -8.24
CA LEU B 354 -13.30 -40.78 -8.48
C LEU B 354 -13.18 -41.77 -7.34
N SER B 355 -13.08 -43.04 -7.69
CA SER B 355 -12.95 -44.10 -6.69
C SER B 355 -11.88 -45.09 -7.13
N ALA B 356 -10.90 -45.30 -6.27
CA ALA B 356 -9.85 -46.26 -6.57
C ALA B 356 -10.33 -47.56 -5.95
N ASP B 357 -11.08 -48.33 -6.74
CA ASP B 357 -11.63 -49.61 -6.29
C ASP B 357 -10.58 -50.70 -6.38
N ALA B 358 -10.08 -51.10 -5.22
CA ALA B 358 -9.05 -52.13 -5.13
C ALA B 358 -9.65 -53.52 -5.31
N PHE B 359 -10.97 -53.60 -5.32
CA PHE B 359 -11.63 -54.88 -5.51
C PHE B 359 -11.80 -55.21 -6.99
N GLY B 360 -11.59 -54.20 -7.83
CA GLY B 360 -11.73 -54.40 -9.26
C GLY B 360 -13.15 -54.76 -9.67
N VAL B 361 -14.14 -54.14 -9.04
CA VAL B 361 -15.55 -54.41 -9.34
C VAL B 361 -16.21 -53.26 -10.10
N LEU B 362 -15.95 -52.04 -9.65
CA LEU B 362 -16.55 -50.86 -10.29
C LEU B 362 -16.09 -50.68 -11.75
N PRO B 363 -17.01 -50.27 -12.64
CA PRO B 363 -16.56 -50.08 -14.01
C PRO B 363 -15.83 -48.75 -14.17
N PRO B 364 -15.03 -48.61 -15.25
CA PRO B 364 -14.29 -47.37 -15.51
C PRO B 364 -15.17 -46.13 -15.37
N VAL B 365 -16.43 -46.25 -15.79
CA VAL B 365 -17.38 -45.15 -15.68
C VAL B 365 -18.86 -45.54 -15.67
N SER B 366 -19.58 -45.00 -14.68
CA SER B 366 -21.01 -45.24 -14.53
C SER B 366 -21.74 -43.91 -14.58
N ILE B 367 -22.80 -43.85 -15.38
CA ILE B 367 -23.62 -42.63 -15.51
C ILE B 367 -24.66 -42.72 -14.40
N LEU B 368 -24.44 -41.97 -13.34
CA LEU B 368 -25.33 -41.99 -12.18
C LEU B 368 -26.65 -41.22 -12.26
N SER B 369 -27.65 -41.74 -11.58
CA SER B 369 -28.96 -41.12 -11.50
C SER B 369 -28.93 -40.28 -10.23
N LYS B 370 -29.87 -39.35 -10.10
CA LYS B 370 -29.94 -38.49 -8.92
C LYS B 370 -29.77 -39.28 -7.64
N GLU B 371 -30.53 -40.37 -7.51
CA GLU B 371 -30.48 -41.19 -6.32
C GLU B 371 -29.11 -41.83 -6.10
N GLN B 372 -28.52 -42.34 -7.17
CA GLN B 372 -27.20 -42.95 -7.05
C GLN B 372 -26.16 -41.89 -6.69
N THR B 373 -26.34 -40.69 -7.23
CA THR B 373 -25.42 -39.58 -6.97
C THR B 373 -25.25 -39.33 -5.47
N LYS B 374 -26.37 -39.17 -4.77
CA LYS B 374 -26.33 -38.92 -3.35
C LYS B 374 -25.81 -40.14 -2.59
N TYR B 375 -26.32 -41.31 -2.98
CA TYR B 375 -25.93 -42.54 -2.33
C TYR B 375 -24.42 -42.80 -2.37
N TYR B 376 -23.83 -42.74 -3.55
CA TYR B 376 -22.40 -42.97 -3.66
C TYR B 376 -21.56 -41.81 -3.12
N PHE B 377 -22.11 -40.59 -3.13
CA PHE B 377 -21.36 -39.47 -2.61
C PHE B 377 -21.19 -39.63 -1.10
N LEU B 378 -22.26 -40.08 -0.43
CA LEU B 378 -22.24 -40.29 1.00
C LEU B 378 -21.39 -41.50 1.37
N SER B 379 -21.55 -42.58 0.61
CA SER B 379 -20.79 -43.80 0.85
C SER B 379 -19.29 -43.55 0.73
N GLY B 380 -18.92 -42.78 -0.30
CA GLY B 380 -17.51 -42.47 -0.51
C GLY B 380 -16.62 -43.70 -0.58
N PHE B 381 -17.08 -44.76 -1.25
CA PHE B 381 -16.29 -45.96 -1.36
C PHE B 381 -15.09 -45.76 -2.28
N THR B 382 -13.90 -45.98 -1.73
CA THR B 382 -12.68 -45.81 -2.50
C THR B 382 -11.58 -46.60 -1.79
N ALA B 383 -10.37 -46.06 -1.73
CA ALA B 383 -9.29 -46.74 -1.04
C ALA B 383 -8.23 -45.80 -0.50
N LYS B 384 -7.77 -46.07 0.72
CA LYS B 384 -6.71 -45.24 1.27
C LYS B 384 -5.45 -45.88 0.69
N LEU B 385 -4.58 -45.08 0.10
CA LEU B 385 -3.36 -45.66 -0.47
C LEU B 385 -2.19 -44.68 -0.63
N ALA B 386 -1.15 -45.15 -1.30
CA ALA B 386 0.04 -44.35 -1.59
C ALA B 386 0.60 -43.54 -0.43
N GLY B 387 0.48 -44.06 0.79
CA GLY B 387 1.00 -43.36 1.95
C GLY B 387 0.38 -42.01 2.28
N THR B 388 -0.81 -41.73 1.76
CA THR B 388 -1.45 -40.45 2.04
C THR B 388 -1.67 -40.27 3.55
N GLU B 389 -1.80 -41.39 4.27
CA GLU B 389 -1.94 -41.37 5.72
C GLU B 389 -0.84 -42.29 6.21
N ARG B 390 -0.11 -41.84 7.24
CA ARG B 390 0.99 -42.62 7.81
C ARG B 390 0.58 -44.04 8.19
N GLY B 391 1.42 -45.00 7.83
CA GLY B 391 1.15 -46.39 8.16
C GLY B 391 0.43 -47.17 7.08
N ILE B 392 -0.37 -46.47 6.28
CA ILE B 392 -1.12 -47.12 5.21
C ILE B 392 -0.36 -47.01 3.89
N THR B 393 0.32 -48.08 3.53
CA THR B 393 1.09 -48.10 2.29
C THR B 393 0.47 -48.98 1.22
N GLU B 394 -0.31 -49.96 1.64
CA GLU B 394 -0.96 -50.86 0.70
C GLU B 394 -2.40 -50.38 0.44
N PRO B 395 -2.89 -50.56 -0.81
CA PRO B 395 -4.25 -50.14 -1.16
C PRO B 395 -5.25 -50.71 -0.18
N THR B 396 -5.86 -49.84 0.61
CA THR B 396 -6.81 -50.28 1.61
C THR B 396 -8.22 -49.77 1.33
N PRO B 397 -9.10 -50.65 0.86
CA PRO B 397 -10.48 -50.24 0.57
C PRO B 397 -11.10 -49.62 1.80
N THR B 398 -11.90 -48.58 1.60
CA THR B 398 -12.52 -47.90 2.73
C THR B 398 -13.74 -47.14 2.27
N PHE B 399 -14.59 -46.78 3.22
CA PHE B 399 -15.80 -46.01 2.96
C PHE B 399 -15.54 -44.63 3.56
N SER B 400 -14.98 -43.72 2.76
CA SER B 400 -14.67 -42.37 3.23
C SER B 400 -15.77 -41.42 2.78
N SER B 401 -16.67 -41.09 3.69
CA SER B 401 -17.79 -40.22 3.35
C SER B 401 -17.40 -38.98 2.56
N CYS B 402 -18.18 -38.74 1.50
CA CYS B 402 -17.98 -37.61 0.63
C CYS B 402 -16.60 -37.59 -0.01
N PHE B 403 -15.91 -38.73 -0.01
CA PHE B 403 -14.56 -38.83 -0.56
C PHE B 403 -13.62 -37.85 0.13
N GLY B 404 -13.85 -37.65 1.42
CA GLY B 404 -13.02 -36.74 2.19
C GLY B 404 -13.39 -36.72 3.66
N ALA B 405 -13.81 -37.89 4.17
CA ALA B 405 -14.22 -38.02 5.55
C ALA B 405 -13.21 -37.45 6.55
N ALA B 406 -11.92 -37.67 6.32
CA ALA B 406 -10.88 -37.19 7.23
C ALA B 406 -10.86 -35.66 7.41
N PHE B 407 -11.48 -34.94 6.48
CA PHE B 407 -11.50 -33.49 6.56
C PHE B 407 -12.89 -32.96 6.93
N LEU B 408 -13.83 -33.87 7.14
CA LEU B 408 -15.19 -33.48 7.49
C LEU B 408 -15.34 -33.03 8.95
N THR B 409 -15.85 -31.81 9.14
CA THR B 409 -16.05 -31.28 10.49
C THR B 409 -17.54 -31.28 10.81
N LEU B 410 -18.36 -31.36 9.76
CA LEU B 410 -19.81 -31.40 9.89
C LEU B 410 -20.27 -32.79 9.40
N PRO B 411 -21.48 -33.21 9.79
CA PRO B 411 -21.97 -34.52 9.36
C PRO B 411 -22.04 -34.64 7.84
N PRO B 412 -21.65 -35.80 7.30
CA PRO B 412 -21.65 -36.08 5.86
C PRO B 412 -22.91 -35.64 5.11
N THR B 413 -24.06 -35.89 5.72
CA THR B 413 -25.34 -35.53 5.11
C THR B 413 -25.46 -34.04 4.83
N LYS B 414 -24.75 -33.22 5.60
CA LYS B 414 -24.79 -31.78 5.40
C LYS B 414 -24.09 -31.39 4.11
N TYR B 415 -22.96 -32.06 3.83
CA TYR B 415 -22.22 -31.79 2.61
C TYR B 415 -23.04 -32.22 1.41
N ALA B 416 -23.69 -33.37 1.53
CA ALA B 416 -24.51 -33.92 0.47
C ALA B 416 -25.69 -33.01 0.18
N GLU B 417 -26.33 -32.53 1.23
CA GLU B 417 -27.47 -31.63 1.07
C GLU B 417 -27.08 -30.43 0.22
N VAL B 418 -26.02 -29.72 0.63
CA VAL B 418 -25.56 -28.55 -0.10
C VAL B 418 -25.17 -28.88 -1.54
N LEU B 419 -24.42 -29.96 -1.70
CA LEU B 419 -23.96 -30.37 -3.02
C LEU B 419 -25.12 -30.65 -3.96
N VAL B 420 -26.06 -31.48 -3.51
CA VAL B 420 -27.23 -31.83 -4.32
C VAL B 420 -27.96 -30.55 -4.70
N LYS B 421 -28.15 -29.66 -3.73
CA LYS B 421 -28.84 -28.40 -3.97
C LYS B 421 -28.18 -27.66 -5.12
N ARG B 422 -26.85 -27.64 -5.13
CA ARG B 422 -26.09 -26.97 -6.18
C ARG B 422 -26.26 -27.63 -7.53
N MET B 423 -26.20 -28.96 -7.56
CA MET B 423 -26.34 -29.67 -8.82
C MET B 423 -27.70 -29.46 -9.46
N GLU B 424 -28.75 -29.39 -8.63
CA GLU B 424 -30.10 -29.19 -9.15
C GLU B 424 -30.26 -27.84 -9.84
N ALA B 425 -29.62 -26.81 -9.28
CA ALA B 425 -29.70 -25.47 -9.87
C ALA B 425 -28.81 -25.37 -11.09
N SER B 426 -27.80 -26.24 -11.18
CA SER B 426 -26.90 -26.20 -12.31
C SER B 426 -27.27 -27.22 -13.39
N GLY B 427 -28.06 -28.22 -13.00
CA GLY B 427 -28.45 -29.26 -13.94
C GLY B 427 -27.27 -30.15 -14.22
N ALA B 428 -26.36 -30.25 -13.26
CA ALA B 428 -25.16 -31.06 -13.41
C ALA B 428 -25.42 -32.55 -13.35
N LYS B 429 -24.67 -33.30 -14.15
CA LYS B 429 -24.79 -34.74 -14.19
C LYS B 429 -23.59 -35.32 -13.46
N ALA B 430 -23.80 -36.44 -12.75
CA ALA B 430 -22.75 -37.11 -11.99
C ALA B 430 -22.29 -38.40 -12.66
N TYR B 431 -21.05 -38.78 -12.37
CA TYR B 431 -20.45 -39.98 -12.94
C TYR B 431 -19.54 -40.63 -11.90
N LEU B 432 -19.58 -41.96 -11.85
CA LEU B 432 -18.75 -42.73 -10.92
C LEU B 432 -17.60 -43.27 -11.75
N VAL B 433 -16.40 -42.77 -11.51
CA VAL B 433 -15.22 -43.21 -12.27
C VAL B 433 -14.21 -43.99 -11.45
N ASN B 434 -13.90 -45.20 -11.90
CA ASN B 434 -12.95 -46.06 -11.21
C ASN B 434 -11.52 -45.75 -11.66
N THR B 435 -10.71 -45.17 -10.79
CA THR B 435 -9.34 -44.88 -11.16
C THR B 435 -8.47 -45.93 -10.52
N GLY B 436 -9.14 -46.94 -9.97
CA GLY B 436 -8.47 -48.04 -9.32
C GLY B 436 -8.21 -49.23 -10.22
N TRP B 437 -8.44 -50.42 -9.71
CA TRP B 437 -8.14 -51.65 -10.44
C TRP B 437 -9.30 -52.34 -11.15
N ASN B 438 -8.95 -53.31 -11.99
CA ASN B 438 -9.96 -54.11 -12.65
C ASN B 438 -9.45 -55.53 -12.67
N GLY B 439 -10.08 -56.38 -13.46
CA GLY B 439 -9.71 -57.78 -13.54
C GLY B 439 -8.26 -58.11 -13.85
N THR B 440 -7.60 -57.29 -14.67
CA THR B 440 -6.22 -57.56 -15.03
C THR B 440 -5.33 -57.57 -13.79
N GLY B 441 -5.84 -57.07 -12.66
CA GLY B 441 -5.05 -57.04 -11.45
C GLY B 441 -4.24 -55.75 -11.40
N LYS B 442 -4.35 -54.95 -12.44
CA LYS B 442 -3.64 -53.68 -12.51
C LYS B 442 -4.65 -52.53 -12.52
N ARG B 443 -4.15 -51.30 -12.47
CA ARG B 443 -5.06 -50.15 -12.48
C ARG B 443 -5.46 -49.81 -13.89
N ILE B 444 -6.67 -49.28 -14.02
CA ILE B 444 -7.20 -48.88 -15.31
C ILE B 444 -6.24 -47.87 -15.92
N SER B 445 -5.97 -48.04 -17.21
CA SER B 445 -5.06 -47.16 -17.93
C SER B 445 -5.40 -45.69 -17.79
N ILE B 446 -4.37 -44.87 -17.60
CA ILE B 446 -4.55 -43.44 -17.47
C ILE B 446 -5.11 -42.91 -18.80
N LYS B 447 -4.66 -43.48 -19.92
CA LYS B 447 -5.13 -43.07 -21.23
C LYS B 447 -6.62 -43.32 -21.40
N ASP B 448 -7.08 -44.48 -20.92
CA ASP B 448 -8.49 -44.78 -21.05
C ASP B 448 -9.28 -43.88 -20.12
N THR B 449 -8.76 -43.65 -18.92
CA THR B 449 -9.47 -42.80 -17.96
C THR B 449 -9.65 -41.36 -18.47
N ARG B 450 -8.59 -40.81 -19.07
CA ARG B 450 -8.63 -39.46 -19.60
C ARG B 450 -9.60 -39.43 -20.79
N GLY B 451 -9.64 -40.55 -21.52
CA GLY B 451 -10.53 -40.68 -22.65
C GLY B 451 -11.95 -40.54 -22.13
N ILE B 452 -12.23 -41.23 -21.03
CA ILE B 452 -13.54 -41.19 -20.38
C ILE B 452 -13.90 -39.78 -19.90
N ILE B 453 -12.91 -39.09 -19.32
CA ILE B 453 -13.12 -37.73 -18.85
C ILE B 453 -13.47 -36.82 -20.02
N ASP B 454 -12.76 -36.99 -21.13
CA ASP B 454 -13.02 -36.19 -22.32
C ASP B 454 -14.44 -36.43 -22.80
N ALA B 455 -14.88 -37.68 -22.69
CA ALA B 455 -16.22 -38.07 -23.12
C ALA B 455 -17.29 -37.45 -22.23
N ILE B 456 -16.94 -37.27 -20.95
CA ILE B 456 -17.87 -36.67 -19.99
C ILE B 456 -17.92 -35.17 -20.17
N LEU B 457 -16.75 -34.57 -20.40
CA LEU B 457 -16.67 -33.12 -20.57
C LEU B 457 -17.21 -32.62 -21.90
N ASP B 458 -17.19 -33.45 -22.94
CA ASP B 458 -17.70 -33.00 -24.23
C ASP B 458 -19.11 -33.52 -24.52
N GLY B 459 -19.73 -34.11 -23.50
CA GLY B 459 -21.07 -34.62 -23.66
C GLY B 459 -21.20 -35.85 -24.53
N SER B 460 -20.07 -36.38 -25.00
CA SER B 460 -20.11 -37.57 -25.85
C SER B 460 -20.80 -38.73 -25.15
N ILE B 461 -20.52 -38.87 -23.85
CA ILE B 461 -21.08 -39.95 -23.07
C ILE B 461 -22.60 -39.83 -22.95
N ASP B 462 -23.13 -38.67 -23.33
CA ASP B 462 -24.56 -38.40 -23.26
C ASP B 462 -25.34 -39.20 -24.29
N THR B 463 -24.77 -39.39 -25.47
CA THR B 463 -25.45 -40.11 -26.53
C THR B 463 -24.88 -41.51 -26.79
N ALA B 464 -23.87 -41.90 -26.02
CA ALA B 464 -23.26 -43.22 -26.20
C ALA B 464 -24.22 -44.36 -25.88
N ASN B 465 -24.02 -45.52 -26.51
CA ASN B 465 -24.86 -46.68 -26.23
C ASN B 465 -24.54 -47.12 -24.81
N THR B 466 -25.54 -47.64 -24.11
CA THR B 466 -25.34 -48.06 -22.72
C THR B 466 -25.85 -49.45 -22.43
N ALA B 467 -25.42 -49.98 -21.29
CA ALA B 467 -25.81 -51.30 -20.81
C ALA B 467 -25.91 -51.18 -19.29
N THR B 468 -26.40 -52.22 -18.63
CA THR B 468 -26.55 -52.20 -17.19
C THR B 468 -25.70 -53.25 -16.49
N ILE B 469 -25.06 -52.86 -15.40
CA ILE B 469 -24.21 -53.78 -14.65
C ILE B 469 -24.97 -54.26 -13.42
N PRO B 470 -25.09 -55.59 -13.27
CA PRO B 470 -25.78 -56.25 -12.16
C PRO B 470 -25.32 -55.79 -10.79
N TYR B 471 -26.15 -56.12 -9.80
CA TYR B 471 -25.94 -55.82 -8.39
C TYR B 471 -26.05 -54.34 -8.01
N PHE B 472 -25.36 -53.48 -8.74
CA PHE B 472 -25.38 -52.04 -8.46
C PHE B 472 -26.35 -51.33 -9.40
N ASN B 473 -26.68 -51.99 -10.51
CA ASN B 473 -27.57 -51.40 -11.50
C ASN B 473 -26.86 -50.17 -12.09
N PHE B 474 -25.58 -50.32 -12.44
CA PHE B 474 -24.81 -49.22 -13.02
C PHE B 474 -25.08 -49.06 -14.50
N THR B 475 -25.34 -47.84 -14.93
CA THR B 475 -25.55 -47.57 -16.34
C THR B 475 -24.18 -47.19 -16.86
N VAL B 476 -23.65 -47.98 -17.79
CA VAL B 476 -22.33 -47.69 -18.35
C VAL B 476 -22.38 -47.67 -19.86
N PRO B 477 -21.45 -46.94 -20.48
CA PRO B 477 -21.45 -46.89 -21.96
C PRO B 477 -20.89 -48.22 -22.47
N THR B 478 -21.40 -48.67 -23.62
CA THR B 478 -20.93 -49.91 -24.22
C THR B 478 -19.74 -49.64 -25.14
N GLU B 479 -19.51 -48.36 -25.44
CA GLU B 479 -18.38 -47.97 -26.29
C GLU B 479 -18.20 -46.46 -26.29
N LEU B 480 -16.96 -46.01 -26.41
CA LEU B 480 -16.66 -44.59 -26.43
C LEU B 480 -15.46 -44.30 -27.31
N LYS B 481 -15.49 -43.16 -27.98
CA LYS B 481 -14.38 -42.77 -28.84
C LYS B 481 -13.15 -42.59 -27.97
N GLY B 482 -12.01 -43.06 -28.45
CA GLY B 482 -10.76 -42.93 -27.70
C GLY B 482 -10.74 -43.65 -26.36
N VAL B 483 -11.40 -44.81 -26.29
CA VAL B 483 -11.44 -45.58 -25.05
C VAL B 483 -11.49 -47.07 -25.37
N ASP B 484 -10.60 -47.83 -24.74
CA ASP B 484 -10.54 -49.27 -24.93
C ASP B 484 -11.93 -49.80 -24.56
N THR B 485 -12.52 -50.58 -25.46
CA THR B 485 -13.87 -51.08 -25.24
C THR B 485 -14.02 -52.13 -24.17
N LYS B 486 -13.14 -53.13 -24.23
CA LYS B 486 -13.15 -54.26 -23.31
C LYS B 486 -13.29 -53.88 -21.83
N ILE B 487 -12.64 -52.81 -21.41
CA ILE B 487 -12.69 -52.41 -20.01
C ILE B 487 -13.99 -51.78 -19.50
N LEU B 488 -14.79 -51.21 -20.40
CA LEU B 488 -16.04 -50.57 -19.99
C LEU B 488 -16.92 -51.46 -19.10
N ASP B 489 -16.89 -52.76 -19.33
CA ASP B 489 -17.67 -53.69 -18.51
C ASP B 489 -16.66 -54.37 -17.62
N PRO B 490 -16.77 -54.16 -16.30
CA PRO B 490 -15.86 -54.74 -15.30
C PRO B 490 -15.69 -56.25 -15.37
N ARG B 491 -16.64 -56.95 -15.99
CA ARG B 491 -16.55 -58.41 -16.11
C ARG B 491 -15.55 -58.93 -17.16
N ASN B 492 -15.36 -58.16 -18.23
CA ASN B 492 -14.47 -58.57 -19.32
C ASN B 492 -13.00 -58.80 -18.99
N THR B 493 -12.49 -58.18 -17.94
CA THR B 493 -11.09 -58.35 -17.57
C THR B 493 -10.89 -59.57 -16.67
N TYR B 494 -11.95 -60.35 -16.50
CA TYR B 494 -11.90 -61.55 -15.68
C TYR B 494 -12.05 -62.79 -16.56
N ALA B 495 -11.31 -63.84 -16.24
CA ALA B 495 -11.39 -65.08 -17.01
C ALA B 495 -12.86 -65.52 -17.05
N ASP B 496 -13.48 -65.62 -15.89
CA ASP B 496 -14.89 -66.00 -15.79
C ASP B 496 -15.66 -64.87 -15.14
N ALA B 497 -16.83 -64.57 -15.70
CA ALA B 497 -17.66 -63.48 -15.16
C ALA B 497 -17.95 -63.74 -13.69
N SER B 498 -18.02 -65.00 -13.30
CA SER B 498 -18.29 -65.37 -11.93
C SER B 498 -17.28 -64.77 -10.94
N GLU B 499 -16.03 -64.58 -11.36
CA GLU B 499 -15.02 -64.00 -10.48
C GLU B 499 -15.47 -62.60 -10.06
N TRP B 500 -15.99 -61.86 -11.02
CA TRP B 500 -16.47 -60.52 -10.77
C TRP B 500 -17.75 -60.57 -9.93
N GLU B 501 -18.65 -61.48 -10.31
CA GLU B 501 -19.94 -61.65 -9.63
C GLU B 501 -19.85 -61.83 -8.12
N VAL B 502 -18.94 -62.69 -7.67
CA VAL B 502 -18.81 -62.92 -6.25
C VAL B 502 -18.36 -61.67 -5.51
N LYS B 503 -17.39 -60.96 -6.09
CA LYS B 503 -16.90 -59.75 -5.46
C LYS B 503 -17.94 -58.63 -5.52
N ALA B 504 -18.64 -58.55 -6.65
CA ALA B 504 -19.68 -57.56 -6.84
C ALA B 504 -20.76 -57.70 -5.77
N LYS B 505 -21.26 -58.93 -5.60
CA LYS B 505 -22.28 -59.24 -4.61
C LYS B 505 -21.76 -58.91 -3.22
N ASP B 506 -20.54 -59.32 -2.94
CA ASP B 506 -19.93 -59.06 -1.65
C ASP B 506 -19.81 -57.55 -1.37
N LEU B 507 -19.27 -56.81 -2.33
CA LEU B 507 -19.11 -55.37 -2.20
C LEU B 507 -20.45 -54.66 -2.11
N ALA B 508 -21.42 -55.15 -2.86
CA ALA B 508 -22.75 -54.55 -2.84
C ALA B 508 -23.32 -54.63 -1.43
N GLU B 509 -23.16 -55.78 -0.78
CA GLU B 509 -23.67 -55.94 0.56
C GLU B 509 -22.93 -55.03 1.54
N ARG B 510 -21.65 -54.79 1.31
CA ARG B 510 -20.89 -53.93 2.21
C ARG B 510 -21.42 -52.50 2.11
N PHE B 511 -21.89 -52.13 0.92
CA PHE B 511 -22.46 -50.82 0.70
C PHE B 511 -23.75 -50.70 1.51
N GLN B 512 -24.57 -51.75 1.46
CA GLN B 512 -25.86 -51.76 2.16
C GLN B 512 -25.74 -51.66 3.68
N LYS B 513 -24.76 -52.37 4.24
CA LYS B 513 -24.55 -52.37 5.68
C LYS B 513 -23.84 -51.09 6.14
N ASN B 514 -23.06 -50.50 5.25
CA ASN B 514 -22.34 -49.27 5.58
C ASN B 514 -23.27 -48.07 5.58
N PHE B 515 -24.21 -48.04 4.64
CA PHE B 515 -25.13 -46.92 4.52
C PHE B 515 -26.07 -46.81 5.73
N LYS B 516 -26.10 -47.85 6.55
CA LYS B 516 -26.92 -47.87 7.74
C LYS B 516 -26.44 -46.85 8.75
N LYS B 517 -25.22 -46.36 8.57
CA LYS B 517 -24.65 -45.35 9.48
C LYS B 517 -25.42 -44.05 9.33
N PHE B 518 -26.28 -43.99 8.33
CA PHE B 518 -27.09 -42.80 8.08
C PHE B 518 -28.52 -42.99 8.58
MG MG C . 8.77 31.16 -4.99
MN MN D . 6.18 31.07 -0.33
PG ATP E . 7.97 29.15 -2.50
O1G ATP E . 6.68 29.75 -2.14
O2G ATP E . 8.56 28.27 -1.46
O3G ATP E . 8.99 30.08 -3.02
PB ATP E . 7.21 28.21 -5.24
O1B ATP E . 5.79 27.87 -5.37
O2B ATP E . 7.63 29.47 -5.86
O3B ATP E . 7.69 27.97 -3.67
PA ATP E . 9.00 27.17 -7.27
O1A ATP E . 8.15 27.54 -8.43
O2A ATP E . 10.22 27.96 -6.94
O3A ATP E . 8.05 26.99 -5.90
O5' ATP E . 9.43 25.65 -7.34
C5' ATP E . 8.70 24.56 -7.93
C4' ATP E . 9.66 23.38 -8.13
O4' ATP E . 8.96 22.27 -8.71
C3' ATP E . 10.83 23.74 -9.07
O3' ATP E . 12.01 23.06 -8.60
C2' ATP E . 10.34 23.14 -10.39
O2' ATP E . 11.40 22.85 -11.32
C1' ATP E . 9.64 21.90 -9.94
N9 ATP E . 8.61 21.38 -10.88
C8 ATP E . 8.59 20.11 -11.44
N7 ATP E . 7.58 19.89 -12.22
C5 ATP E . 6.86 21.08 -12.20
C6 ATP E . 5.66 21.48 -12.84
N6 ATP E . 4.97 20.70 -13.66
N1 ATP E . 5.20 22.76 -12.61
C2 ATP E . 5.89 23.58 -11.78
N3 ATP E . 7.05 23.30 -11.12
C4 ATP E . 7.47 22.01 -11.38
C1 OXD F . 7.72 29.47 1.42
C2 OXD F . 8.70 30.41 0.76
O3 OXD F . 6.45 29.15 1.29
O4 OXD F . 9.94 30.36 1.31
O5 OXD F . 8.13 28.72 2.43
O6 OXD F . 8.81 31.33 -0.22
MG MG G . -3.96 -33.52 -5.43
MN MN H . -6.33 -33.84 -0.85
PG ATP I . -4.52 -35.57 -3.02
O1G ATP I . -5.93 -35.19 -2.75
O2G ATP I . -3.91 -36.41 -2.00
O3G ATP I . -3.66 -34.47 -3.40
PB ATP I . -5.18 -36.56 -5.76
O1B ATP I . -6.58 -37.06 -5.75
O2B ATP I . -4.92 -35.30 -6.49
O3B ATP I . -4.52 -36.69 -4.27
PA ATP I . -3.33 -37.44 -7.70
O1A ATP I . -4.16 -37.10 -8.87
O2A ATP I . -2.17 -36.58 -7.34
O3A ATP I . -4.28 -37.71 -6.40
O5' ATP I . -2.76 -38.93 -7.81
C5' ATP I . -3.36 -40.09 -8.41
C4' ATP I . -2.25 -41.12 -8.62
O4' ATP I . -2.82 -42.30 -9.22
C3' ATP I . -1.13 -40.61 -9.59
O3' ATP I . 0.15 -41.11 -9.08
C2' ATP I . -1.50 -41.31 -10.90
O2' ATP I . -0.36 -41.59 -11.74
C1' ATP I . -2.12 -42.61 -10.44
N9 ATP I . -3.10 -43.22 -11.38
C8 ATP I . -2.97 -44.48 -11.93
N7 ATP I . -3.96 -44.80 -12.73
C5 ATP I . -4.79 -43.69 -12.70
C6 ATP I . -6.03 -43.40 -13.35
N6 ATP I . -6.64 -44.27 -14.17
N1 ATP I . -6.60 -42.18 -13.11
C2 ATP I . -5.99 -41.30 -12.29
N3 ATP I . -4.83 -41.46 -11.62
C4 ATP I . -4.28 -42.70 -11.89
C1 OXD J . -3.74 -34.13 0.36
C2 OXD J . -4.70 -35.17 0.86
O3 OXD J . -3.73 -33.09 -0.47
O4 OXD J . -4.11 -36.02 1.74
O5 OXD J . -2.50 -34.15 0.81
O6 OXD J . -5.97 -35.59 0.76
#